data_8CZL
#
_entry.id   8CZL
#
_cell.length_a   55.485
_cell.length_b   120.909
_cell.length_c   143.102
_cell.angle_alpha   90.00
_cell.angle_beta   90.00
_cell.angle_gamma   90.00
#
_symmetry.space_group_name_H-M   'P 21 21 21'
#
loop_
_entity.id
_entity.type
_entity.pdbx_description
1 polymer 'Glutathione S-transferase LANCL1'
2 non-polymer 'ZINC ION'
3 non-polymer L-GAMMA-GLUTAMYL-S-METHYLCYSTEINYLGLYCINE
4 water water
#
_entity_poly.entity_id   1
_entity_poly.type   'polypeptide(L)'
_entity_poly.pdbx_seq_one_letter_code
;MGSSHHHHHHSSGLVPRGSHMAQRAFPNPYADYNKSLAEGYFDAAGRLTPEFSQRLTNKIRELLQQMERGLKSADPRDGT
GYTGWAGIAVLYLHLYDVFGDPAYLQLAHGYVKQSLNCLTKRSITFLCGDAGPLAVAAVLYHKMNNEKQAEDCITRLIHL
NKIDPHAPNEMLYGRIGYIYALLFVNKNFGVEKIPQSHIQQICETILTSGENLARKRNFTAKSPLMYEWYQEYYVGAAHG
LAGIYYYLMQPSLQVSQGKLHSLVKPSVDYVCQLKFPSGNYPPCIGDNRDLLVHWCHGAPGVIYMLIQAYKVFREEKYLC
DAYQCADVIWQYGLLKKGYGLCHGSAGNAYAFLTLYNLTQDMKYLYRACKFAEWCLEYGEHGCRTPDTPFSLFEGMAGTI
YFLADLLVPTKARFPAFEL
;
_entity_poly.pdbx_strand_id   A,B
#
loop_
_chem_comp.id
_chem_comp.type
_chem_comp.name
_chem_comp.formula
GSM non-polymer L-GAMMA-GLUTAMYL-S-METHYLCYSTEINYLGLYCINE 'C11 H19 N3 O6 S'
ZN non-polymer 'ZINC ION' 'Zn 2'
#
# COMPACT_ATOMS: atom_id res chain seq x y z
N HIS A 20 25.81 1.18 -17.21
CA HIS A 20 24.37 1.56 -17.33
C HIS A 20 24.04 2.68 -16.33
N MET A 21 25.05 3.11 -15.56
CA MET A 21 24.91 4.19 -14.59
C MET A 21 24.57 5.49 -15.32
N ALA A 22 25.12 5.64 -16.53
CA ALA A 22 24.97 6.85 -17.32
C ALA A 22 23.50 7.09 -17.67
N GLN A 23 22.74 6.01 -17.82
CA GLN A 23 21.35 6.08 -18.25
C GLN A 23 20.49 6.63 -17.12
N ARG A 24 21.01 6.56 -15.89
CA ARG A 24 20.25 6.95 -14.71
C ARG A 24 20.58 8.37 -14.28
N ALA A 25 21.62 8.96 -14.90
CA ALA A 25 22.11 10.25 -14.48
C ALA A 25 22.01 11.27 -15.62
N PHE A 26 21.96 12.55 -15.24
CA PHE A 26 22.24 13.63 -16.17
C PHE A 26 23.76 13.77 -16.28
N PRO A 27 24.31 14.16 -17.46
CA PRO A 27 25.71 14.52 -17.56
C PRO A 27 26.00 15.68 -16.61
N ASN A 28 27.14 15.60 -15.91
CA ASN A 28 27.55 16.64 -14.99
C ASN A 28 28.05 17.83 -15.79
N PRO A 29 27.38 19.00 -15.73
CA PRO A 29 27.73 20.15 -16.57
C PRO A 29 28.81 21.05 -15.97
N TYR A 30 29.33 20.65 -14.79
CA TYR A 30 30.19 21.52 -14.00
C TYR A 30 31.65 21.13 -14.17
N ALA A 31 32.53 22.14 -14.15
CA ALA A 31 33.96 21.93 -14.06
C ALA A 31 34.30 21.43 -12.66
N ASP A 32 35.33 20.58 -12.55
CA ASP A 32 35.81 20.11 -11.26
C ASP A 32 36.58 21.25 -10.58
N TYR A 33 37.00 21.00 -9.34
CA TYR A 33 37.55 22.00 -8.43
C TYR A 33 38.81 22.63 -9.02
N ASN A 34 38.89 23.96 -8.89
CA ASN A 34 40.15 24.68 -8.88
C ASN A 34 39.97 25.90 -7.97
N LYS A 35 41.09 26.54 -7.59
CA LYS A 35 41.06 27.63 -6.63
C LYS A 35 40.15 28.76 -7.11
N SER A 36 40.22 29.05 -8.41
CA SER A 36 39.52 30.21 -8.99
C SER A 36 38.02 29.99 -8.96
N LEU A 37 37.57 28.78 -9.33
CA LEU A 37 36.16 28.47 -9.38
C LEU A 37 35.56 28.41 -7.99
N ALA A 38 36.38 28.06 -7.00
CA ALA A 38 35.90 27.79 -5.65
C ALA A 38 35.68 29.08 -4.87
N GLU A 39 36.32 30.18 -5.32
CA GLU A 39 36.37 31.42 -4.56
C GLU A 39 34.97 32.02 -4.41
N GLY A 40 34.11 31.80 -5.41
CA GLY A 40 32.74 32.31 -5.38
C GLY A 40 31.88 31.63 -4.31
N TYR A 41 32.29 30.42 -3.89
CA TYR A 41 31.48 29.59 -3.00
C TYR A 41 31.94 29.70 -1.55
N PHE A 42 33.27 29.69 -1.34
CA PHE A 42 33.81 29.73 0.01
C PHE A 42 35.22 30.31 -0.02
N ASP A 43 35.67 30.75 1.16
CA ASP A 43 36.96 31.38 1.34
C ASP A 43 38.03 30.31 1.60
N ALA A 44 39.26 30.76 1.87
CA ALA A 44 40.39 29.85 2.05
C ALA A 44 40.24 29.02 3.31
N ALA A 45 39.30 29.40 4.19
CA ALA A 45 39.02 28.69 5.42
C ALA A 45 37.85 27.71 5.27
N GLY A 46 37.25 27.67 4.08
CA GLY A 46 36.14 26.78 3.81
C GLY A 46 34.80 27.33 4.30
N ARG A 47 34.77 28.62 4.66
CA ARG A 47 33.57 29.27 5.14
C ARG A 47 32.83 29.82 3.91
N LEU A 48 31.53 29.53 3.80
CA LEU A 48 30.78 29.96 2.62
C LEU A 48 30.81 31.47 2.53
N THR A 49 30.84 31.98 1.29
CA THR A 49 30.71 33.41 1.04
C THR A 49 29.34 33.89 1.49
N PRO A 50 29.21 35.16 1.96
CA PRO A 50 27.89 35.73 2.23
C PRO A 50 26.92 35.62 1.06
N GLU A 51 27.42 35.81 -0.17
CA GLU A 51 26.59 35.78 -1.37
C GLU A 51 26.00 34.39 -1.58
N PHE A 52 26.84 33.35 -1.51
CA PHE A 52 26.39 31.99 -1.73
C PHE A 52 25.47 31.55 -0.58
N SER A 53 25.81 31.93 0.65
CA SER A 53 24.97 31.67 1.82
C SER A 53 23.57 32.23 1.60
N GLN A 54 23.49 33.47 1.08
CA GLN A 54 22.21 34.11 0.89
C GLN A 54 21.41 33.43 -0.22
N ARG A 55 22.09 32.97 -1.27
CA ARG A 55 21.44 32.28 -2.37
C ARG A 55 20.83 30.98 -1.88
N LEU A 56 21.57 30.27 -1.02
CA LEU A 56 21.04 29.06 -0.40
C LEU A 56 19.79 29.41 0.41
N THR A 57 19.90 30.46 1.25
CA THR A 57 18.84 30.89 2.15
C THR A 57 17.60 31.27 1.36
N ASN A 58 17.80 31.96 0.24
CA ASN A 58 16.69 32.41 -0.60
C ASN A 58 15.94 31.21 -1.18
N LYS A 59 16.69 30.19 -1.62
CA LYS A 59 16.07 29.01 -2.21
C LYS A 59 15.32 28.22 -1.14
N ILE A 60 15.91 28.15 0.06
CA ILE A 60 15.29 27.48 1.20
C ILE A 60 13.91 28.08 1.46
N ARG A 61 13.83 29.41 1.50
CA ARG A 61 12.59 30.09 1.80
C ARG A 61 11.56 29.83 0.69
N GLU A 62 12.04 29.80 -0.57
CA GLU A 62 11.17 29.58 -1.72
C GLU A 62 10.60 28.17 -1.65
N LEU A 63 11.48 27.19 -1.43
CA LEU A 63 11.05 25.79 -1.44
C LEU A 63 10.16 25.48 -0.24
N LEU A 64 10.42 26.10 0.92
CA LEU A 64 9.60 25.89 2.11
C LEU A 64 8.14 26.24 1.82
N GLN A 65 7.92 27.33 1.08
CA GLN A 65 6.57 27.74 0.71
C GLN A 65 5.89 26.64 -0.09
N GLN A 66 6.62 26.07 -1.07
CA GLN A 66 6.08 25.02 -1.92
C GLN A 66 5.79 23.77 -1.10
N MET A 67 6.70 23.47 -0.15
CA MET A 67 6.59 22.28 0.68
C MET A 67 5.37 22.39 1.59
N GLU A 68 5.17 23.56 2.20
CA GLU A 68 4.05 23.76 3.10
C GLU A 68 2.73 23.54 2.36
N ARG A 69 2.65 24.05 1.13
CA ARG A 69 1.45 23.92 0.31
C ARG A 69 1.25 22.46 -0.09
N GLY A 70 2.36 21.82 -0.53
CA GLY A 70 2.30 20.46 -1.01
C GLY A 70 1.87 19.46 0.07
N LEU A 71 2.30 19.71 1.32
CA LEU A 71 2.02 18.81 2.42
C LEU A 71 0.54 18.82 2.81
N LYS A 72 -0.21 19.84 2.36
CA LYS A 72 -1.64 19.84 2.62
C LYS A 72 -2.31 18.63 1.99
N SER A 73 -1.67 18.07 0.96
CA SER A 73 -2.24 16.95 0.23
C SER A 73 -1.63 15.61 0.64
N ALA A 74 -0.69 15.63 1.60
CA ALA A 74 -0.01 14.39 1.99
C ALA A 74 -0.94 13.49 2.79
N ASP A 75 -0.60 12.20 2.82
CA ASP A 75 -1.41 11.19 3.49
C ASP A 75 -1.46 11.48 5.00
N PRO A 76 -2.67 11.69 5.59
CA PRO A 76 -2.78 11.99 7.02
C PRO A 76 -2.21 10.91 7.93
N ARG A 77 -2.16 9.66 7.45
CA ARG A 77 -1.87 8.49 8.27
C ARG A 77 -0.38 8.24 8.43
N ASP A 78 0.44 8.79 7.52
CA ASP A 78 1.85 8.45 7.51
C ASP A 78 2.61 9.45 8.40
N GLY A 79 2.99 8.99 9.58
CA GLY A 79 3.67 9.87 10.52
C GLY A 79 5.19 9.66 10.53
N THR A 80 5.72 8.86 9.61
CA THR A 80 7.10 8.40 9.72
C THR A 80 8.15 9.46 9.36
N GLY A 81 9.39 9.20 9.78
CA GLY A 81 10.49 10.06 9.38
C GLY A 81 10.75 10.01 7.88
N TYR A 82 10.67 8.80 7.30
CA TYR A 82 11.06 8.54 5.93
C TYR A 82 10.14 9.29 4.96
N THR A 83 8.82 9.12 5.13
CA THR A 83 7.88 9.64 4.13
C THR A 83 6.80 10.55 4.72
N GLY A 84 6.76 10.72 6.05
CA GLY A 84 5.62 11.37 6.67
C GLY A 84 5.99 12.48 7.65
N TRP A 85 5.12 12.69 8.65
CA TRP A 85 5.08 13.94 9.40
C TRP A 85 6.32 14.14 10.26
N ALA A 86 6.82 13.05 10.86
CA ALA A 86 7.95 13.22 11.78
C ALA A 86 9.17 13.70 11.02
N GLY A 87 9.29 13.31 9.74
CA GLY A 87 10.41 13.76 8.92
C GLY A 87 10.36 15.27 8.63
N ILE A 88 9.14 15.80 8.50
CA ILE A 88 8.98 17.24 8.33
C ILE A 88 9.38 17.96 9.63
N ALA A 89 9.03 17.35 10.78
CA ALA A 89 9.43 17.89 12.07
C ALA A 89 10.95 17.89 12.21
N VAL A 90 11.60 16.83 11.72
CA VAL A 90 13.06 16.75 11.71
C VAL A 90 13.63 17.95 10.93
N LEU A 91 13.05 18.24 9.76
CA LEU A 91 13.52 19.38 8.97
C LEU A 91 13.39 20.68 9.77
N TYR A 92 12.22 20.88 10.39
CA TYR A 92 11.98 22.16 11.06
C TYR A 92 12.85 22.31 12.30
N LEU A 93 13.10 21.22 13.03
CA LEU A 93 14.02 21.28 14.17
C LEU A 93 15.40 21.73 13.68
N HIS A 94 15.83 21.19 12.54
CA HIS A 94 17.12 21.54 11.93
C HIS A 94 17.12 23.00 11.52
N LEU A 95 16.05 23.45 10.86
CA LEU A 95 15.98 24.85 10.44
C LEU A 95 15.99 25.78 11.65
N TYR A 96 15.35 25.38 12.74
CA TYR A 96 15.36 26.16 13.97
C TYR A 96 16.79 26.30 14.49
N ASP A 97 17.57 25.20 14.44
CA ASP A 97 18.94 25.21 14.92
CA ASP A 97 18.94 25.21 14.92
C ASP A 97 19.81 26.07 14.01
N VAL A 98 19.54 26.01 12.70
CA VAL A 98 20.36 26.73 11.72
C VAL A 98 20.09 28.23 11.80
N PHE A 99 18.79 28.60 11.84
CA PHE A 99 18.39 29.98 11.60
C PHE A 99 17.97 30.68 12.90
N GLY A 100 17.44 29.91 13.86
CA GLY A 100 17.03 30.45 15.14
C GLY A 100 15.66 31.13 15.12
N ASP A 101 14.94 30.98 14.00
CA ASP A 101 13.62 31.56 13.85
C ASP A 101 12.63 30.73 14.67
N PRO A 102 11.95 31.31 15.69
CA PRO A 102 11.03 30.55 16.54
C PRO A 102 9.86 29.95 15.77
N ALA A 103 9.52 30.56 14.62
CA ALA A 103 8.44 30.08 13.78
C ALA A 103 8.74 28.65 13.30
N TYR A 104 10.02 28.33 13.11
CA TYR A 104 10.40 26.99 12.67
C TYR A 104 10.14 25.98 13.79
N LEU A 105 10.42 26.37 15.04
CA LEU A 105 10.15 25.48 16.15
C LEU A 105 8.65 25.23 16.28
N GLN A 106 7.84 26.26 15.99
CA GLN A 106 6.39 26.14 16.05
C GLN A 106 5.88 25.20 14.95
N LEU A 107 6.45 25.32 13.76
CA LEU A 107 6.08 24.43 12.65
C LEU A 107 6.41 22.99 13.06
N ALA A 108 7.56 22.78 13.69
CA ALA A 108 7.97 21.45 14.12
C ALA A 108 6.95 20.87 15.08
N HIS A 109 6.43 21.73 15.98
CA HIS A 109 5.46 21.29 16.97
C HIS A 109 4.20 20.75 16.30
N GLY A 110 3.70 21.48 15.30
CA GLY A 110 2.52 21.07 14.55
C GLY A 110 2.70 19.69 13.93
N TYR A 111 3.87 19.48 13.31
CA TYR A 111 4.14 18.23 12.63
C TYR A 111 4.34 17.08 13.62
N VAL A 112 5.00 17.38 14.76
CA VAL A 112 5.14 16.42 15.85
C VAL A 112 3.77 15.95 16.29
N LYS A 113 2.84 16.89 16.49
CA LYS A 113 1.51 16.55 16.97
C LYS A 113 0.80 15.63 15.97
N GLN A 114 0.94 15.92 14.67
CA GLN A 114 0.35 15.08 13.64
C GLN A 114 0.94 13.68 13.73
N SER A 115 2.27 13.60 13.86
CA SER A 115 2.97 12.33 13.85
C SER A 115 2.56 11.46 15.04
N LEU A 116 2.27 12.07 16.19
CA LEU A 116 1.95 11.29 17.38
C LEU A 116 0.54 10.70 17.28
N ASN A 117 -0.24 11.15 16.30
CA ASN A 117 -1.57 10.60 16.09
C ASN A 117 -1.53 9.49 15.03
N CYS A 118 -0.32 9.05 14.66
CA CYS A 118 -0.12 8.14 13.54
C CYS A 118 0.63 6.88 13.93
N LEU A 119 0.84 6.66 15.24
CA LEU A 119 1.60 5.50 15.67
C LEU A 119 0.84 4.24 15.24
N THR A 120 1.57 3.27 14.68
CA THR A 120 0.93 2.09 14.09
C THR A 120 1.30 0.82 14.85
N LYS A 121 2.33 0.92 15.72
CA LYS A 121 2.79 -0.16 16.57
C LYS A 121 3.38 -1.31 15.75
N ARG A 122 3.82 -1.03 14.52
CA ARG A 122 4.28 -2.10 13.64
C ARG A 122 5.79 -2.12 13.49
N SER A 123 6.46 -0.99 13.76
CA SER A 123 7.90 -0.88 13.54
CA SER A 123 7.89 -0.87 13.54
C SER A 123 8.56 -0.05 14.65
N ILE A 124 9.87 -0.29 14.84
CA ILE A 124 10.63 0.27 15.95
C ILE A 124 11.60 1.38 15.50
N THR A 125 11.68 1.66 14.20
CA THR A 125 12.80 2.49 13.75
C THR A 125 12.46 3.97 13.74
N PHE A 126 13.52 4.79 13.73
CA PHE A 126 13.40 6.24 13.57
C PHE A 126 12.77 6.59 12.23
N LEU A 127 13.16 5.89 11.16
CA LEU A 127 12.71 6.29 9.83
C LEU A 127 11.34 5.74 9.48
N CYS A 128 11.01 4.51 9.91
CA CYS A 128 9.80 3.89 9.38
C CYS A 128 8.88 3.38 10.47
N GLY A 129 9.23 3.65 11.73
CA GLY A 129 8.47 3.12 12.86
C GLY A 129 8.08 4.19 13.88
N ASP A 130 7.63 3.74 15.04
CA ASP A 130 7.05 4.65 16.01
C ASP A 130 8.15 5.43 16.75
N ALA A 131 9.41 5.01 16.62
CA ALA A 131 10.51 5.66 17.31
C ALA A 131 10.78 7.06 16.73
N GLY A 132 10.47 7.26 15.45
CA GLY A 132 10.66 8.56 14.82
C GLY A 132 9.80 9.62 15.52
N PRO A 133 8.46 9.49 15.46
CA PRO A 133 7.56 10.38 16.20
C PRO A 133 7.96 10.59 17.66
N LEU A 134 8.27 9.49 18.37
CA LEU A 134 8.53 9.61 19.80
C LEU A 134 9.85 10.33 20.09
N ALA A 135 10.91 10.00 19.35
CA ALA A 135 12.20 10.62 19.60
C ALA A 135 12.17 12.08 19.18
N VAL A 136 11.56 12.38 18.02
CA VAL A 136 11.49 13.75 17.55
C VAL A 136 10.63 14.57 18.51
N ALA A 137 9.53 13.98 19.00
CA ALA A 137 8.64 14.67 19.93
C ALA A 137 9.40 14.97 21.22
N ALA A 138 10.15 13.98 21.74
CA ALA A 138 10.91 14.18 22.96
C ALA A 138 11.80 15.42 22.83
N VAL A 139 12.47 15.55 21.69
CA VAL A 139 13.41 16.64 21.44
C VAL A 139 12.66 17.96 21.30
N LEU A 140 11.57 17.97 20.52
CA LEU A 140 10.82 19.20 20.35
C LEU A 140 10.30 19.69 21.69
N TYR A 141 9.72 18.78 22.49
CA TYR A 141 9.14 19.18 23.76
C TYR A 141 10.22 19.75 24.67
N HIS A 142 11.41 19.12 24.65
CA HIS A 142 12.56 19.60 25.41
C HIS A 142 12.90 21.03 25.01
N LYS A 143 12.90 21.30 23.70
CA LYS A 143 13.28 22.60 23.15
CA LYS A 143 13.30 22.60 23.19
C LYS A 143 12.23 23.65 23.50
N MET A 144 11.02 23.20 23.83
CA MET A 144 9.93 24.09 24.19
C MET A 144 9.72 24.09 25.72
N ASN A 145 10.67 23.51 26.46
CA ASN A 145 10.66 23.55 27.91
C ASN A 145 9.44 22.82 28.47
N ASN A 146 9.03 21.75 27.77
CA ASN A 146 7.89 20.96 28.20
C ASN A 146 8.40 19.62 28.74
N GLU A 147 8.75 19.61 30.03
CA GLU A 147 9.42 18.48 30.64
C GLU A 147 8.52 17.26 30.66
N LYS A 148 7.24 17.44 31.07
CA LYS A 148 6.36 16.30 31.22
C LYS A 148 6.23 15.55 29.90
N GLN A 149 5.95 16.28 28.80
CA GLN A 149 5.74 15.65 27.52
C GLN A 149 7.05 15.05 26.98
N ALA A 150 8.17 15.74 27.20
CA ALA A 150 9.46 15.22 26.79
C ALA A 150 9.73 13.87 27.46
N GLU A 151 9.49 13.82 28.78
CA GLU A 151 9.80 12.63 29.55
C GLU A 151 8.86 11.48 29.19
N ASP A 152 7.57 11.79 28.95
CA ASP A 152 6.60 10.79 28.58
C ASP A 152 7.00 10.12 27.26
N CYS A 153 7.48 10.95 26.32
CA CYS A 153 7.91 10.44 25.02
C CYS A 153 9.12 9.53 25.18
N ILE A 154 10.06 9.91 26.05
CA ILE A 154 11.26 9.10 26.26
C ILE A 154 10.87 7.74 26.84
N THR A 155 9.96 7.73 27.82
CA THR A 155 9.48 6.49 28.42
C THR A 155 8.91 5.56 27.34
N ARG A 156 8.07 6.11 26.47
CA ARG A 156 7.42 5.34 25.43
C ARG A 156 8.47 4.79 24.46
N LEU A 157 9.48 5.62 24.15
CA LEU A 157 10.54 5.25 23.23
C LEU A 157 11.33 4.06 23.78
N ILE A 158 11.66 4.12 25.08
CA ILE A 158 12.41 3.06 25.74
C ILE A 158 11.62 1.75 25.69
N HIS A 159 10.30 1.84 25.88
CA HIS A 159 9.42 0.68 26.02
C HIS A 159 9.21 0.00 24.67
N LEU A 160 9.54 0.72 23.59
CA LEU A 160 9.25 0.28 22.23
C LEU A 160 10.11 -0.94 21.89
N ASN A 161 11.19 -1.12 22.66
CA ASN A 161 12.19 -2.16 22.46
C ASN A 161 11.66 -3.49 23.01
N LYS A 162 10.44 -3.86 22.64
CA LYS A 162 9.79 -5.06 23.15
C LYS A 162 8.73 -5.55 22.17
N ILE A 163 8.15 -4.62 21.40
CA ILE A 163 7.02 -4.92 20.54
C ILE A 163 7.47 -5.71 19.32
N ASP A 164 8.78 -5.70 19.03
CA ASP A 164 9.33 -6.40 17.89
C ASP A 164 10.73 -6.94 18.22
N PRO A 165 10.85 -8.08 18.94
CA PRO A 165 12.11 -8.83 18.97
C PRO A 165 12.21 -9.70 17.71
N HIS A 166 13.45 -10.10 17.37
CA HIS A 166 13.76 -10.83 16.15
C HIS A 166 13.48 -9.96 14.91
N ALA A 167 13.57 -8.64 15.09
CA ALA A 167 13.57 -7.68 14.00
C ALA A 167 14.79 -7.93 13.12
N PRO A 168 14.86 -7.35 11.89
CA PRO A 168 16.12 -7.35 11.14
C PRO A 168 17.10 -6.41 11.82
N ASN A 169 18.26 -6.20 11.20
CA ASN A 169 19.35 -5.48 11.84
C ASN A 169 19.59 -4.11 11.19
N GLU A 170 18.91 -3.82 10.08
CA GLU A 170 19.27 -2.72 9.19
C GLU A 170 18.57 -1.41 9.59
N MET A 171 18.71 -0.39 8.75
CA MET A 171 18.41 0.99 9.12
CA MET A 171 18.40 0.98 9.12
C MET A 171 16.91 1.27 9.06
N LEU A 172 16.22 0.82 8.00
CA LEU A 172 14.84 1.26 7.83
C LEU A 172 13.87 0.49 8.72
N TYR A 173 14.16 -0.79 9.00
CA TYR A 173 13.17 -1.61 9.69
C TYR A 173 13.77 -2.38 10.86
N GLY A 174 15.07 -2.19 11.13
CA GLY A 174 15.78 -3.07 12.04
C GLY A 174 16.45 -2.36 13.21
N ARG A 175 17.34 -3.10 13.88
CA ARG A 175 17.86 -2.71 15.18
C ARG A 175 18.65 -1.41 15.14
N ILE A 176 19.45 -1.17 14.08
CA ILE A 176 20.26 0.05 14.11
C ILE A 176 19.37 1.28 13.92
N GLY A 177 18.21 1.07 13.30
CA GLY A 177 17.24 2.15 13.11
C GLY A 177 16.61 2.57 14.42
N TYR A 178 16.47 1.62 15.35
CA TYR A 178 15.99 1.92 16.69
C TYR A 178 17.11 2.59 17.48
N ILE A 179 18.33 2.07 17.34
CA ILE A 179 19.48 2.66 18.01
C ILE A 179 19.58 4.13 17.65
N TYR A 180 19.39 4.47 16.36
CA TYR A 180 19.52 5.86 15.97
C TYR A 180 18.58 6.75 16.79
N ALA A 181 17.33 6.31 17.00
CA ALA A 181 16.36 7.11 17.75
C ALA A 181 16.90 7.43 19.15
N LEU A 182 17.49 6.42 19.79
CA LEU A 182 18.05 6.58 21.12
C LEU A 182 19.21 7.59 21.11
N LEU A 183 20.09 7.45 20.10
CA LEU A 183 21.24 8.33 19.93
C LEU A 183 20.77 9.76 19.68
N PHE A 184 19.66 9.91 18.94
CA PHE A 184 19.11 11.19 18.55
C PHE A 184 18.66 11.97 19.79
N VAL A 185 18.00 11.26 20.71
CA VAL A 185 17.56 11.88 21.96
C VAL A 185 18.79 12.30 22.76
N ASN A 186 19.74 11.38 22.94
CA ASN A 186 20.90 11.65 23.79
C ASN A 186 21.69 12.83 23.26
N LYS A 187 21.82 12.93 21.93
CA LYS A 187 22.61 13.99 21.32
C LYS A 187 21.93 15.34 21.58
N ASN A 188 20.60 15.36 21.47
CA ASN A 188 19.85 16.61 21.49
C ASN A 188 19.65 17.11 22.92
N PHE A 189 19.57 16.19 23.89
CA PHE A 189 19.46 16.57 25.28
C PHE A 189 20.84 16.94 25.83
N GLY A 190 21.88 16.41 25.19
CA GLY A 190 23.26 16.67 25.58
C GLY A 190 23.64 15.90 26.85
N VAL A 191 22.76 14.97 27.25
CA VAL A 191 22.94 14.14 28.43
C VAL A 191 22.52 12.71 28.06
N GLU A 192 22.90 11.74 28.90
CA GLU A 192 22.55 10.34 28.71
C GLU A 192 21.14 10.09 29.24
N LYS A 193 20.13 10.51 28.46
CA LYS A 193 18.73 10.34 28.80
C LYS A 193 18.34 8.87 28.66
N ILE A 194 18.82 8.22 27.59
CA ILE A 194 18.68 6.79 27.44
C ILE A 194 19.99 6.15 27.94
N PRO A 195 19.92 5.27 28.97
CA PRO A 195 21.11 4.63 29.53
C PRO A 195 21.87 3.88 28.44
N GLN A 196 23.21 3.97 28.50
CA GLN A 196 24.08 3.28 27.56
C GLN A 196 23.78 1.79 27.56
N SER A 197 23.35 1.25 28.70
CA SER A 197 23.11 -0.17 28.83
C SER A 197 22.02 -0.65 27.86
N HIS A 198 21.10 0.25 27.52
CA HIS A 198 20.02 -0.07 26.60
C HIS A 198 20.59 -0.28 25.19
N ILE A 199 21.50 0.61 24.79
CA ILE A 199 22.19 0.54 23.52
C ILE A 199 23.08 -0.70 23.47
N GLN A 200 23.80 -0.94 24.57
CA GLN A 200 24.73 -2.06 24.69
CA GLN A 200 24.74 -2.06 24.68
C GLN A 200 24.03 -3.38 24.37
N GLN A 201 22.84 -3.59 24.96
CA GLN A 201 22.18 -4.88 24.83
C GLN A 201 21.70 -5.11 23.39
N ILE A 202 21.32 -4.03 22.69
CA ILE A 202 20.90 -4.17 21.30
C ILE A 202 22.13 -4.48 20.46
N CYS A 203 23.24 -3.80 20.74
CA CYS A 203 24.48 -4.02 20.03
CA CYS A 203 24.49 -4.03 20.05
C CYS A 203 24.92 -5.48 20.15
N GLU A 204 24.79 -6.05 21.36
CA GLU A 204 25.14 -7.44 21.60
C GLU A 204 24.28 -8.35 20.71
N THR A 205 22.98 -8.07 20.63
CA THR A 205 22.05 -8.85 19.82
C THR A 205 22.46 -8.80 18.35
N ILE A 206 22.82 -7.59 17.87
CA ILE A 206 23.24 -7.39 16.49
C ILE A 206 24.47 -8.25 16.18
N LEU A 207 25.47 -8.20 17.07
CA LEU A 207 26.69 -8.95 16.85
C LEU A 207 26.42 -10.45 16.86
N THR A 208 25.61 -10.91 17.81
CA THR A 208 25.29 -12.34 17.93
C THR A 208 24.57 -12.81 16.67
N SER A 209 23.63 -11.99 16.18
CA SER A 209 22.87 -12.29 14.98
C SER A 209 23.81 -12.45 13.80
N GLY A 210 24.76 -11.52 13.66
CA GLY A 210 25.69 -11.56 12.55
C GLY A 210 26.59 -12.79 12.58
N GLU A 211 27.07 -13.15 13.78
CA GLU A 211 27.96 -14.31 13.90
C GLU A 211 27.19 -15.58 13.56
N ASN A 212 25.94 -15.64 14.02
CA ASN A 212 25.10 -16.83 13.85
C ASN A 212 24.83 -17.06 12.36
N LEU A 213 24.45 -16.00 11.63
CA LEU A 213 24.12 -16.17 10.23
C LEU A 213 25.37 -16.50 9.41
N ALA A 214 26.51 -15.89 9.76
CA ALA A 214 27.73 -16.19 9.03
C ALA A 214 28.11 -17.65 9.23
N ARG A 215 27.89 -18.16 10.44
CA ARG A 215 28.23 -19.54 10.77
C ARG A 215 27.31 -20.49 9.99
N LYS A 216 26.02 -20.20 9.99
CA LYS A 216 25.02 -21.03 9.35
C LYS A 216 25.27 -21.16 7.85
N ARG A 217 25.74 -20.07 7.23
CA ARG A 217 25.89 -20.00 5.78
C ARG A 217 27.36 -20.23 5.38
N ASN A 218 28.22 -20.49 6.37
CA ASN A 218 29.64 -20.74 6.20
C ASN A 218 30.31 -19.56 5.49
N PHE A 219 29.96 -18.34 5.94
CA PHE A 219 30.64 -17.13 5.50
C PHE A 219 31.88 -16.86 6.36
N THR A 220 31.92 -17.47 7.55
CA THR A 220 32.81 -17.10 8.65
C THR A 220 34.23 -16.77 8.16
N ALA A 221 34.79 -17.63 7.30
CA ALA A 221 36.19 -17.52 6.91
C ALA A 221 36.46 -16.22 6.16
N LYS A 222 35.50 -15.76 5.35
CA LYS A 222 35.66 -14.55 4.56
C LYS A 222 34.98 -13.37 5.24
N SER A 223 33.91 -13.64 6.01
CA SER A 223 33.15 -12.58 6.65
C SER A 223 32.58 -13.10 7.97
N PRO A 224 33.21 -12.78 9.13
CA PRO A 224 32.74 -13.25 10.42
C PRO A 224 31.30 -12.86 10.80
N LEU A 225 30.79 -11.78 10.18
CA LEU A 225 29.40 -11.37 10.34
C LEU A 225 28.68 -11.44 9.01
N MET A 226 27.37 -11.72 9.09
CA MET A 226 26.52 -11.59 7.91
C MET A 226 25.11 -11.24 8.35
N TYR A 227 24.45 -10.40 7.52
CA TYR A 227 23.10 -9.91 7.76
C TYR A 227 22.27 -10.02 6.49
N GLU A 228 20.95 -10.08 6.67
CA GLU A 228 20.03 -10.13 5.55
C GLU A 228 18.72 -9.42 5.89
N TRP A 229 18.04 -8.96 4.84
CA TRP A 229 16.74 -8.35 4.95
C TRP A 229 15.90 -8.78 3.74
N TYR A 230 14.66 -9.19 3.97
N TYR A 230 14.63 -9.13 4.00
CA TYR A 230 13.79 -9.59 2.87
CA TYR A 230 13.73 -9.72 3.03
C TYR A 230 14.46 -10.72 2.08
C TYR A 230 14.48 -10.69 2.12
N GLN A 231 15.17 -11.61 2.78
CA GLN A 231 15.83 -12.77 2.19
C GLN A 231 16.85 -12.39 1.12
N GLU A 232 17.55 -11.26 1.30
CA GLU A 232 18.65 -10.87 0.43
CA GLU A 232 18.67 -10.92 0.44
C GLU A 232 19.79 -10.31 1.28
N TYR A 233 21.03 -10.55 0.83
CA TYR A 233 22.18 -9.96 1.49
C TYR A 233 22.41 -8.57 0.91
N TYR A 234 21.64 -7.61 1.40
CA TYR A 234 21.80 -6.22 0.98
C TYR A 234 23.15 -5.69 1.44
N VAL A 235 23.76 -4.84 0.61
CA VAL A 235 25.13 -4.40 0.82
C VAL A 235 25.17 -2.97 1.36
N GLY A 236 24.14 -2.16 1.08
CA GLY A 236 24.23 -0.71 1.21
C GLY A 236 23.74 -0.15 2.56
N ALA A 237 23.57 1.18 2.61
CA ALA A 237 23.30 1.88 3.86
C ALA A 237 21.89 1.62 4.38
N ALA A 238 20.90 1.58 3.48
CA ALA A 238 19.51 1.61 3.91
C ALA A 238 19.10 0.28 4.53
N HIS A 239 19.49 -0.81 3.87
CA HIS A 239 18.98 -2.13 4.21
C HIS A 239 20.11 -3.13 4.44
N GLY A 240 21.36 -2.67 4.41
CA GLY A 240 22.43 -3.64 4.19
C GLY A 240 23.65 -3.51 5.10
N LEU A 241 24.72 -4.20 4.69
CA LEU A 241 25.92 -4.40 5.50
C LEU A 241 26.61 -3.08 5.81
N ALA A 242 26.69 -2.19 4.81
CA ALA A 242 27.44 -0.95 4.97
C ALA A 242 26.84 -0.10 6.08
N GLY A 243 25.50 -0.07 6.17
CA GLY A 243 24.84 0.65 7.24
C GLY A 243 25.13 0.06 8.60
N ILE A 244 25.01 -1.27 8.69
CA ILE A 244 25.20 -1.98 9.96
C ILE A 244 26.65 -1.80 10.44
N TYR A 245 27.62 -1.98 9.54
CA TYR A 245 29.02 -1.88 9.94
C TYR A 245 29.41 -0.45 10.27
N TYR A 246 28.87 0.52 9.54
CA TYR A 246 29.08 1.92 9.91
C TYR A 246 28.69 2.13 11.36
N TYR A 247 27.54 1.59 11.77
CA TYR A 247 27.08 1.71 13.15
C TYR A 247 27.99 0.96 14.13
N LEU A 248 28.37 -0.27 13.79
CA LEU A 248 29.15 -1.07 14.73
C LEU A 248 30.53 -0.46 14.98
N MET A 249 30.98 0.40 14.06
CA MET A 249 32.28 1.04 14.15
C MET A 249 32.19 2.38 14.89
N GLN A 250 30.99 2.80 15.28
CA GLN A 250 30.80 4.09 15.93
C GLN A 250 31.12 3.99 17.41
N PRO A 251 31.94 4.91 17.97
CA PRO A 251 32.24 4.91 19.40
C PRO A 251 30.97 4.97 20.25
N SER A 252 29.90 5.57 19.70
CA SER A 252 28.60 5.68 20.36
C SER A 252 28.06 4.32 20.80
N LEU A 253 28.41 3.26 20.05
CA LEU A 253 27.86 1.93 20.28
C LEU A 253 28.80 1.09 21.17
N GLN A 254 30.03 1.57 21.35
CA GLN A 254 30.97 1.06 22.35
C GLN A 254 31.32 -0.42 22.14
N VAL A 255 31.35 -0.87 20.88
CA VAL A 255 31.84 -2.21 20.58
C VAL A 255 33.31 -2.29 21.00
N SER A 256 33.67 -3.42 21.64
CA SER A 256 35.00 -3.62 22.20
C SER A 256 36.05 -3.64 21.08
N GLN A 257 37.29 -3.27 21.43
CA GLN A 257 38.43 -3.38 20.53
C GLN A 257 38.53 -4.80 19.98
N GLY A 258 38.29 -5.79 20.85
CA GLY A 258 38.37 -7.18 20.47
C GLY A 258 37.39 -7.55 19.37
N LYS A 259 36.14 -7.10 19.52
CA LYS A 259 35.12 -7.44 18.54
C LYS A 259 35.30 -6.58 17.29
N LEU A 260 35.76 -5.33 17.45
CA LEU A 260 36.03 -4.45 16.34
CA LEU A 260 36.00 -4.46 16.31
C LEU A 260 37.02 -5.11 15.37
N HIS A 261 38.09 -5.69 15.92
CA HIS A 261 39.14 -6.24 15.07
C HIS A 261 38.83 -7.66 14.60
N SER A 262 38.21 -8.46 15.47
CA SER A 262 38.03 -9.87 15.16
C SER A 262 36.76 -10.10 14.33
N LEU A 263 35.75 -9.25 14.50
CA LEU A 263 34.46 -9.46 13.86
C LEU A 263 34.18 -8.39 12.80
N VAL A 264 34.27 -7.12 13.20
CA VAL A 264 33.79 -6.04 12.33
C VAL A 264 34.76 -5.79 11.18
N LYS A 265 36.06 -5.64 11.47
CA LYS A 265 36.99 -5.26 10.41
C LYS A 265 36.98 -6.25 9.25
N PRO A 266 37.08 -7.59 9.47
CA PRO A 266 37.10 -8.54 8.35
C PRO A 266 35.79 -8.53 7.56
N SER A 267 34.69 -8.21 8.25
CA SER A 267 33.38 -8.13 7.63
C SER A 267 33.31 -6.90 6.73
N VAL A 268 33.93 -5.79 7.18
CA VAL A 268 34.05 -4.59 6.38
C VAL A 268 34.89 -4.90 5.14
N ASP A 269 36.02 -5.61 5.34
CA ASP A 269 36.91 -5.91 4.23
C ASP A 269 36.17 -6.72 3.17
N TYR A 270 35.27 -7.60 3.62
CA TYR A 270 34.48 -8.39 2.69
C TYR A 270 33.63 -7.48 1.80
N VAL A 271 32.99 -6.48 2.40
CA VAL A 271 32.17 -5.54 1.63
C VAL A 271 33.06 -4.79 0.65
N CYS A 272 34.25 -4.37 1.09
CA CYS A 272 35.15 -3.61 0.23
C CYS A 272 35.45 -4.39 -1.03
N GLN A 273 35.53 -5.72 -0.90
CA GLN A 273 35.92 -6.65 -1.95
C GLN A 273 34.80 -6.81 -2.98
N LEU A 274 33.58 -6.30 -2.67
CA LEU A 274 32.43 -6.45 -3.57
C LEU A 274 32.38 -5.33 -4.61
N LYS A 275 33.29 -4.35 -4.49
CA LYS A 275 33.30 -3.15 -5.31
C LYS A 275 33.33 -3.52 -6.80
N PHE A 276 32.49 -2.85 -7.59
CA PHE A 276 32.52 -2.98 -9.04
C PHE A 276 33.79 -2.32 -9.57
N PRO A 277 34.26 -2.66 -10.79
CA PRO A 277 35.39 -1.95 -11.41
C PRO A 277 35.23 -0.43 -11.44
N SER A 278 33.98 0.04 -11.48
CA SER A 278 33.68 1.47 -11.57
C SER A 278 33.96 2.19 -10.25
N GLY A 279 33.95 1.43 -9.14
CA GLY A 279 34.05 2.01 -7.81
C GLY A 279 32.71 2.04 -7.08
N ASN A 280 31.64 1.70 -7.81
CA ASN A 280 30.31 1.57 -7.22
C ASN A 280 30.20 0.20 -6.54
N TYR A 281 29.09 -0.01 -5.83
CA TYR A 281 28.85 -1.26 -5.10
C TYR A 281 27.50 -1.85 -5.51
N PRO A 282 27.39 -3.20 -5.56
CA PRO A 282 26.13 -3.86 -5.92
C PRO A 282 25.10 -3.68 -4.82
N PRO A 283 23.79 -3.66 -5.16
CA PRO A 283 22.74 -3.60 -4.14
C PRO A 283 22.73 -4.81 -3.19
N CYS A 284 22.92 -6.00 -3.77
CA CYS A 284 22.96 -7.25 -3.00
C CYS A 284 24.16 -8.06 -3.45
N ILE A 285 24.67 -8.93 -2.56
CA ILE A 285 25.77 -9.80 -2.91
C ILE A 285 25.37 -10.61 -4.14
N GLY A 286 26.19 -10.55 -5.18
CA GLY A 286 26.01 -11.39 -6.35
C GLY A 286 25.37 -10.64 -7.53
N ASP A 287 24.91 -9.41 -7.30
CA ASP A 287 24.31 -8.59 -8.35
C ASP A 287 25.41 -8.15 -9.32
N ASN A 288 25.14 -8.32 -10.61
CA ASN A 288 26.15 -8.05 -11.63
C ASN A 288 25.92 -6.69 -12.30
N ARG A 289 24.72 -6.14 -12.14
CA ARG A 289 24.34 -4.91 -12.82
C ARG A 289 24.78 -3.71 -11.99
N ASP A 290 25.65 -2.88 -12.59
CA ASP A 290 26.18 -1.69 -11.95
C ASP A 290 25.35 -0.48 -12.39
N LEU A 291 24.34 -0.13 -11.58
CA LEU A 291 23.25 0.70 -12.05
C LEU A 291 22.93 1.83 -11.06
N LEU A 292 22.80 1.49 -9.77
CA LEU A 292 22.22 2.42 -8.81
C LEU A 292 23.32 3.19 -8.08
N VAL A 293 23.24 4.53 -8.16
CA VAL A 293 24.13 5.42 -7.42
C VAL A 293 23.27 6.19 -6.43
N HIS A 294 22.92 5.51 -5.33
CA HIS A 294 21.99 6.03 -4.35
C HIS A 294 22.59 5.93 -2.94
N TRP A 295 22.06 6.73 -2.02
CA TRP A 295 22.33 6.47 -0.61
C TRP A 295 21.84 5.08 -0.24
N CYS A 296 20.65 4.70 -0.73
CA CYS A 296 20.09 3.44 -0.26
C CYS A 296 20.88 2.24 -0.78
N HIS A 297 21.36 2.33 -2.04
CA HIS A 297 22.08 1.27 -2.74
C HIS A 297 23.21 1.90 -3.55
N GLY A 298 24.46 1.47 -3.30
CA GLY A 298 25.59 1.97 -4.06
C GLY A 298 26.53 2.88 -3.27
N ALA A 299 27.45 3.51 -4.00
CA ALA A 299 28.56 4.26 -3.44
C ALA A 299 28.12 5.36 -2.48
N PRO A 300 27.05 6.14 -2.76
CA PRO A 300 26.66 7.23 -1.86
C PRO A 300 26.28 6.80 -0.44
N GLY A 301 25.97 5.52 -0.25
CA GLY A 301 25.70 4.98 1.08
C GLY A 301 26.88 4.20 1.66
N VAL A 302 27.62 3.49 0.79
CA VAL A 302 28.74 2.68 1.24
C VAL A 302 29.89 3.57 1.71
N ILE A 303 29.96 4.80 1.21
CA ILE A 303 31.05 5.71 1.53
C ILE A 303 31.18 5.93 3.03
N TYR A 304 30.05 5.93 3.77
CA TYR A 304 30.08 6.17 5.21
C TYR A 304 30.88 5.08 5.93
N MET A 305 30.65 3.82 5.51
CA MET A 305 31.37 2.70 6.08
C MET A 305 32.87 2.84 5.86
N LEU A 306 33.24 3.24 4.63
CA LEU A 306 34.64 3.38 4.27
C LEU A 306 35.31 4.48 5.09
N ILE A 307 34.60 5.61 5.26
CA ILE A 307 35.17 6.74 5.96
C ILE A 307 35.34 6.38 7.44
N GLN A 308 34.33 5.72 8.01
CA GLN A 308 34.40 5.36 9.42
C GLN A 308 35.47 4.30 9.63
N ALA A 309 35.60 3.37 8.68
CA ALA A 309 36.65 2.36 8.73
C ALA A 309 38.02 3.02 8.73
N TYR A 310 38.19 4.06 7.91
CA TYR A 310 39.45 4.78 7.89
C TYR A 310 39.73 5.43 9.25
N LYS A 311 38.71 6.05 9.84
CA LYS A 311 38.84 6.74 11.12
C LYS A 311 39.25 5.76 12.22
N VAL A 312 38.74 4.52 12.13
CA VAL A 312 38.90 3.57 13.22
C VAL A 312 40.17 2.74 13.04
N PHE A 313 40.49 2.37 11.80
CA PHE A 313 41.55 1.42 11.53
C PHE A 313 42.77 2.08 10.88
N ARG A 314 42.58 3.26 10.28
CA ARG A 314 43.65 4.07 9.71
C ARG A 314 44.39 3.34 8.59
N GLU A 315 43.68 2.48 7.86
CA GLU A 315 44.28 1.78 6.73
C GLU A 315 43.92 2.53 5.45
N GLU A 316 44.95 2.85 4.66
CA GLU A 316 44.83 3.76 3.53
C GLU A 316 43.84 3.22 2.48
N LYS A 317 43.68 1.88 2.41
CA LYS A 317 42.81 1.29 1.41
C LYS A 317 41.38 1.82 1.53
N TYR A 318 40.93 2.09 2.76
CA TYR A 318 39.57 2.58 3.00
C TYR A 318 39.40 3.99 2.43
N LEU A 319 40.43 4.82 2.63
CA LEU A 319 40.42 6.19 2.13
C LEU A 319 40.45 6.20 0.60
N CYS A 320 41.29 5.32 0.02
CA CYS A 320 41.39 5.16 -1.41
CA CYS A 320 41.38 5.18 -1.42
C CYS A 320 40.02 4.82 -2.01
N ASP A 321 39.30 3.90 -1.35
CA ASP A 321 37.99 3.48 -1.83
C ASP A 321 36.98 4.62 -1.72
N ALA A 322 37.09 5.42 -0.66
CA ALA A 322 36.21 6.57 -0.45
C ALA A 322 36.40 7.59 -1.57
N TYR A 323 37.66 7.83 -1.97
CA TYR A 323 37.96 8.72 -3.07
C TYR A 323 37.25 8.23 -4.34
N GLN A 324 37.28 6.91 -4.56
CA GLN A 324 36.68 6.32 -5.74
C GLN A 324 35.16 6.49 -5.70
N CYS A 325 34.55 6.33 -4.52
CA CYS A 325 33.14 6.60 -4.34
C CYS A 325 32.82 8.02 -4.79
N ALA A 326 33.62 8.98 -4.32
CA ALA A 326 33.35 10.39 -4.62
C ALA A 326 33.44 10.64 -6.12
N ASP A 327 34.30 9.89 -6.82
CA ASP A 327 34.48 10.11 -8.24
C ASP A 327 33.30 9.54 -9.04
N VAL A 328 32.80 8.37 -8.60
CA VAL A 328 31.63 7.76 -9.20
C VAL A 328 30.44 8.72 -9.07
N ILE A 329 30.32 9.36 -7.91
CA ILE A 329 29.16 10.19 -7.59
C ILE A 329 29.27 11.50 -8.35
N TRP A 330 30.49 12.03 -8.48
CA TRP A 330 30.70 13.25 -9.25
C TRP A 330 30.28 13.03 -10.70
N GLN A 331 30.56 11.85 -11.24
CA GLN A 331 30.26 11.57 -12.64
C GLN A 331 28.78 11.22 -12.83
N TYR A 332 28.23 10.39 -11.93
CA TYR A 332 26.94 9.75 -12.21
C TYR A 332 25.91 10.02 -11.11
N GLY A 333 26.12 11.06 -10.31
CA GLY A 333 25.34 11.28 -9.10
C GLY A 333 24.18 12.27 -9.25
N LEU A 334 24.09 12.99 -10.38
CA LEU A 334 22.95 13.86 -10.60
C LEU A 334 21.81 13.04 -11.22
N LEU A 335 20.91 12.56 -10.36
CA LEU A 335 20.03 11.46 -10.75
C LEU A 335 18.78 12.00 -11.44
N LYS A 336 18.29 11.21 -12.41
CA LYS A 336 17.01 11.48 -13.04
C LYS A 336 15.87 11.22 -12.05
N LYS A 337 16.17 10.45 -11.00
CA LYS A 337 15.21 10.13 -9.96
C LYS A 337 14.73 11.41 -9.26
N GLY A 338 15.61 12.40 -9.15
CA GLY A 338 15.25 13.65 -8.49
C GLY A 338 16.34 14.14 -7.54
N TYR A 339 15.91 14.97 -6.56
CA TYR A 339 16.81 15.78 -5.74
C TYR A 339 16.81 15.30 -4.30
N GLY A 340 16.24 14.10 -4.05
CA GLY A 340 15.96 13.64 -2.70
C GLY A 340 17.20 13.09 -1.99
N LEU A 341 16.99 12.62 -0.75
CA LEU A 341 18.07 12.10 0.08
C LEU A 341 18.32 10.61 -0.16
N CYS A 342 17.24 9.81 -0.17
CA CYS A 342 17.40 8.37 -0.22
C CYS A 342 18.03 7.93 -1.54
N HIS A 343 17.60 8.58 -2.63
CA HIS A 343 18.08 8.25 -3.97
C HIS A 343 17.89 9.49 -4.84
N GLY A 344 18.77 10.47 -4.60
CA GLY A 344 18.66 11.74 -5.31
C GLY A 344 19.92 12.56 -5.15
N SER A 345 19.94 13.72 -5.81
CA SER A 345 21.13 14.54 -5.92
C SER A 345 21.56 15.09 -4.57
N ALA A 346 20.59 15.43 -3.70
CA ALA A 346 20.94 16.01 -2.41
C ALA A 346 21.57 14.96 -1.48
N GLY A 347 20.99 13.76 -1.47
CA GLY A 347 21.56 12.66 -0.70
C GLY A 347 22.98 12.34 -1.19
N ASN A 348 23.16 12.41 -2.52
CA ASN A 348 24.45 12.10 -3.11
C ASN A 348 25.47 13.16 -2.73
N ALA A 349 25.04 14.42 -2.66
CA ALA A 349 25.94 15.52 -2.32
C ALA A 349 26.54 15.34 -0.93
N TYR A 350 25.78 14.74 -0.01
CA TYR A 350 26.26 14.51 1.34
C TYR A 350 27.52 13.63 1.35
N ALA A 351 27.68 12.76 0.34
CA ALA A 351 28.87 11.93 0.24
C ALA A 351 30.11 12.82 0.15
N PHE A 352 29.99 13.93 -0.59
CA PHE A 352 31.12 14.85 -0.72
C PHE A 352 31.42 15.52 0.61
N LEU A 353 30.37 15.90 1.35
CA LEU A 353 30.55 16.58 2.62
C LEU A 353 31.24 15.66 3.65
N THR A 354 30.91 14.36 3.64
CA THR A 354 31.51 13.46 4.61
CA THR A 354 31.51 13.43 4.59
C THR A 354 33.00 13.29 4.29
N LEU A 355 33.33 13.21 3.00
CA LEU A 355 34.73 13.09 2.60
C LEU A 355 35.47 14.40 2.88
N TYR A 356 34.80 15.55 2.66
CA TYR A 356 35.40 16.84 2.98
C TYR A 356 35.74 16.90 4.47
N ASN A 357 34.77 16.50 5.31
CA ASN A 357 34.92 16.62 6.75
C ASN A 357 36.01 15.70 7.28
N LEU A 358 36.30 14.61 6.56
CA LEU A 358 37.42 13.75 6.96
C LEU A 358 38.74 14.38 6.53
N THR A 359 38.82 14.79 5.26
CA THR A 359 40.10 15.02 4.59
C THR A 359 40.54 16.48 4.71
N GLN A 360 39.55 17.39 4.89
CA GLN A 360 39.77 18.83 4.85
C GLN A 360 40.08 19.30 3.43
N ASP A 361 39.90 18.42 2.44
CA ASP A 361 40.18 18.74 1.04
C ASP A 361 38.99 19.49 0.45
N MET A 362 39.21 20.76 0.11
CA MET A 362 38.16 21.68 -0.32
C MET A 362 37.56 21.26 -1.66
N LYS A 363 38.26 20.39 -2.39
CA LYS A 363 37.73 19.83 -3.63
C LYS A 363 36.32 19.27 -3.39
N TYR A 364 36.15 18.62 -2.23
CA TYR A 364 34.91 17.91 -1.95
C TYR A 364 33.83 18.86 -1.47
N LEU A 365 34.24 19.92 -0.76
CA LEU A 365 33.30 20.97 -0.42
C LEU A 365 32.79 21.62 -1.69
N TYR A 366 33.69 21.85 -2.66
CA TYR A 366 33.32 22.39 -3.96
C TYR A 366 32.30 21.50 -4.65
N ARG A 367 32.55 20.19 -4.69
CA ARG A 367 31.64 19.27 -5.35
C ARG A 367 30.25 19.38 -4.72
N ALA A 368 30.18 19.46 -3.38
CA ALA A 368 28.90 19.60 -2.69
C ALA A 368 28.21 20.89 -3.10
N CYS A 369 28.99 21.98 -3.20
CA CYS A 369 28.43 23.27 -3.59
C CYS A 369 27.85 23.22 -5.01
N LYS A 370 28.49 22.46 -5.91
CA LYS A 370 28.02 22.37 -7.28
C LYS A 370 26.74 21.54 -7.36
N PHE A 371 26.66 20.48 -6.55
CA PHE A 371 25.42 19.73 -6.43
C PHE A 371 24.30 20.60 -5.85
N ALA A 372 24.65 21.52 -4.93
CA ALA A 372 23.71 22.49 -4.41
C ALA A 372 23.21 23.41 -5.52
N GLU A 373 24.13 23.83 -6.39
CA GLU A 373 23.81 24.68 -7.54
C GLU A 373 22.74 23.99 -8.39
N TRP A 374 22.87 22.67 -8.56
CA TRP A 374 21.93 21.86 -9.32
C TRP A 374 20.56 21.89 -8.64
N CYS A 375 20.55 21.77 -7.31
CA CYS A 375 19.30 21.72 -6.55
C CYS A 375 18.63 23.10 -6.54
N LEU A 376 19.42 24.16 -6.72
CA LEU A 376 18.89 25.51 -6.78
C LEU A 376 18.08 25.72 -8.05
N GLU A 377 18.23 24.80 -9.02
CA GLU A 377 17.41 24.79 -10.22
C GLU A 377 16.34 23.71 -10.12
N TYR A 378 15.86 23.47 -8.89
CA TYR A 378 14.86 22.47 -8.59
C TYR A 378 13.72 22.53 -9.62
N GLY A 379 13.47 21.41 -10.30
CA GLY A 379 12.29 21.25 -11.12
C GLY A 379 12.53 21.64 -12.58
N GLU A 380 13.76 22.02 -12.92
CA GLU A 380 14.08 22.54 -14.24
C GLU A 380 14.81 21.50 -15.10
N HIS A 381 14.84 20.23 -14.67
CA HIS A 381 15.70 19.25 -15.31
C HIS A 381 14.92 18.10 -15.95
N GLY A 382 13.62 18.01 -15.65
CA GLY A 382 12.79 16.92 -16.13
C GLY A 382 12.90 15.66 -15.26
N CYS A 383 13.23 15.84 -13.98
CA CYS A 383 13.32 14.72 -13.05
C CYS A 383 11.93 14.12 -12.82
N ARG A 384 11.90 12.83 -12.46
CA ARG A 384 10.69 12.15 -12.03
C ARG A 384 10.13 12.88 -10.81
N THR A 385 8.79 12.91 -10.70
CA THR A 385 8.12 13.37 -9.49
C THR A 385 8.11 12.22 -8.48
N PRO A 386 8.66 12.43 -7.26
CA PRO A 386 8.66 11.37 -6.24
C PRO A 386 7.26 10.97 -5.79
N ASP A 387 7.14 9.76 -5.24
CA ASP A 387 5.89 9.22 -4.74
C ASP A 387 5.37 10.08 -3.59
N THR A 388 6.28 10.55 -2.71
CA THR A 388 5.96 11.57 -1.72
C THR A 388 6.81 12.79 -2.02
N PRO A 389 6.30 13.75 -2.84
CA PRO A 389 7.13 14.82 -3.38
C PRO A 389 7.68 15.81 -2.36
N PHE A 390 7.20 15.74 -1.12
CA PHE A 390 7.55 16.75 -0.13
C PHE A 390 8.22 16.14 1.09
N SER A 391 8.42 14.82 1.09
CA SER A 391 8.89 14.10 2.27
C SER A 391 10.39 14.33 2.52
N LEU A 392 10.85 13.94 3.71
CA LEU A 392 12.26 14.07 4.05
C LEU A 392 13.13 13.17 3.18
N PHE A 393 12.74 11.91 2.94
CA PHE A 393 13.65 10.99 2.28
C PHE A 393 13.36 10.82 0.78
N GLU A 394 12.13 11.07 0.33
CA GLU A 394 11.85 10.95 -1.09
C GLU A 394 11.77 12.33 -1.75
N GLY A 395 11.45 13.36 -0.96
CA GLY A 395 10.97 14.60 -1.54
C GLY A 395 11.70 15.86 -1.06
N MET A 396 10.96 16.97 -1.17
CA MET A 396 11.52 18.32 -1.10
C MET A 396 12.10 18.62 0.28
N ALA A 397 11.50 18.07 1.35
CA ALA A 397 11.98 18.36 2.69
C ALA A 397 13.46 18.00 2.83
N GLY A 398 13.85 16.88 2.21
CA GLY A 398 15.24 16.43 2.29
C GLY A 398 16.19 17.36 1.52
N THR A 399 15.73 17.82 0.35
CA THR A 399 16.54 18.75 -0.44
C THR A 399 16.77 20.04 0.37
N ILE A 400 15.70 20.55 0.99
CA ILE A 400 15.80 21.74 1.82
C ILE A 400 16.75 21.48 3.00
N TYR A 401 16.62 20.30 3.62
CA TYR A 401 17.49 19.93 4.72
C TYR A 401 18.95 20.08 4.32
N PHE A 402 19.30 19.55 3.15
CA PHE A 402 20.67 19.58 2.64
C PHE A 402 21.15 21.02 2.41
N LEU A 403 20.33 21.82 1.72
CA LEU A 403 20.71 23.20 1.45
C LEU A 403 21.00 23.95 2.75
N ALA A 404 20.17 23.74 3.79
CA ALA A 404 20.33 24.45 5.05
C ALA A 404 21.54 23.94 5.81
N ASP A 405 21.84 22.63 5.63
CA ASP A 405 22.96 22.01 6.33
C ASP A 405 24.28 22.50 5.74
N LEU A 406 24.27 22.84 4.45
CA LEU A 406 25.47 23.26 3.73
C LEU A 406 25.97 24.61 4.22
N LEU A 407 25.09 25.39 4.88
CA LEU A 407 25.42 26.72 5.36
C LEU A 407 26.64 26.66 6.28
N VAL A 408 26.72 25.60 7.09
CA VAL A 408 27.86 25.38 7.98
C VAL A 408 28.40 23.97 7.70
N PRO A 409 29.27 23.85 6.67
CA PRO A 409 29.68 22.55 6.14
C PRO A 409 30.27 21.58 7.17
N THR A 410 31.03 22.11 8.14
CA THR A 410 31.74 21.24 9.08
C THR A 410 30.76 20.51 10.01
N LYS A 411 29.54 21.07 10.18
CA LYS A 411 28.56 20.49 11.08
C LYS A 411 27.52 19.66 10.32
N ALA A 412 27.61 19.64 8.99
CA ALA A 412 26.61 18.95 8.17
C ALA A 412 26.69 17.44 8.40
N ARG A 413 25.51 16.80 8.47
CA ARG A 413 25.42 15.35 8.65
C ARG A 413 24.17 14.87 7.92
N PHE A 414 24.31 13.74 7.20
CA PHE A 414 23.17 13.15 6.52
C PHE A 414 22.13 12.82 7.59
N PRO A 415 20.90 13.38 7.50
CA PRO A 415 19.93 13.24 8.58
C PRO A 415 19.43 11.81 8.74
N ALA A 416 19.01 11.48 9.97
CA ALA A 416 18.40 10.19 10.27
C ALA A 416 19.36 9.04 9.96
N PHE A 417 20.67 9.30 10.00
CA PHE A 417 21.63 8.27 9.65
C PHE A 417 23.02 8.57 10.20
N GLU A 418 23.63 9.67 9.76
CA GLU A 418 25.04 9.91 10.04
C GLU A 418 25.22 10.39 11.47
N LEU A 419 26.29 9.91 12.11
CA LEU A 419 26.58 10.29 13.47
C LEU A 419 27.77 11.28 13.48
N HIS B 20 -24.82 -3.05 17.50
CA HIS B 20 -25.60 -1.91 16.90
C HIS B 20 -26.30 -2.34 15.62
N MET B 21 -26.05 -3.59 15.20
CA MET B 21 -26.60 -4.13 13.97
C MET B 21 -28.13 -4.12 14.01
N ALA B 22 -28.68 -4.32 15.21
CA ALA B 22 -30.13 -4.45 15.40
C ALA B 22 -30.84 -3.18 14.96
N GLN B 23 -30.21 -2.02 15.15
CA GLN B 23 -30.80 -0.73 14.83
C GLN B 23 -31.00 -0.59 13.32
N ARG B 24 -30.21 -1.34 12.55
CA ARG B 24 -30.16 -1.16 11.10
C ARG B 24 -31.09 -2.16 10.41
N ALA B 25 -31.62 -3.12 11.18
CA ALA B 25 -32.36 -4.23 10.60
C ALA B 25 -33.77 -4.28 11.16
N PHE B 26 -34.67 -4.90 10.39
CA PHE B 26 -35.97 -5.31 10.90
C PHE B 26 -35.83 -6.66 11.59
N PRO B 27 -36.59 -6.94 12.66
CA PRO B 27 -36.60 -8.28 13.25
C PRO B 27 -37.02 -9.28 12.17
N ASN B 28 -36.29 -10.39 12.10
CA ASN B 28 -36.60 -11.44 11.12
C ASN B 28 -37.86 -12.15 11.59
N PRO B 29 -39.00 -12.05 10.86
CA PRO B 29 -40.27 -12.64 11.32
C PRO B 29 -40.43 -14.13 11.03
N TYR B 30 -39.43 -14.72 10.36
CA TYR B 30 -39.54 -16.07 9.84
C TYR B 30 -38.89 -17.08 10.78
N ALA B 31 -39.49 -18.27 10.87
CA ALA B 31 -38.88 -19.40 11.55
C ALA B 31 -37.70 -19.88 10.71
N ASP B 32 -36.69 -20.46 11.37
CA ASP B 32 -35.57 -21.04 10.65
C ASP B 32 -36.05 -22.34 10.00
N TYR B 33 -35.17 -22.95 9.21
CA TYR B 33 -35.47 -24.06 8.34
C TYR B 33 -36.04 -25.26 9.11
N ASN B 34 -37.12 -25.80 8.54
CA ASN B 34 -37.62 -27.14 8.80
C ASN B 34 -38.13 -27.68 7.47
N LYS B 35 -37.99 -28.99 7.24
CA LYS B 35 -38.40 -29.62 5.99
C LYS B 35 -39.84 -29.23 5.64
N SER B 36 -40.72 -29.18 6.65
CA SER B 36 -42.13 -28.89 6.45
CA SER B 36 -42.12 -28.91 6.39
C SER B 36 -42.33 -27.45 5.99
N LEU B 37 -41.50 -26.54 6.50
CA LEU B 37 -41.60 -25.14 6.15
C LEU B 37 -41.03 -24.89 4.75
N ALA B 38 -40.22 -25.84 4.28
CA ALA B 38 -39.52 -25.66 3.01
C ALA B 38 -40.32 -26.23 1.85
N GLU B 39 -41.23 -27.18 2.14
CA GLU B 39 -41.92 -27.96 1.11
C GLU B 39 -42.71 -27.07 0.16
N GLY B 40 -43.21 -25.93 0.65
CA GLY B 40 -43.97 -25.02 -0.18
C GLY B 40 -43.10 -24.25 -1.16
N TYR B 41 -41.81 -24.18 -0.87
CA TYR B 41 -40.87 -23.40 -1.67
C TYR B 41 -40.15 -24.27 -2.70
N PHE B 42 -39.73 -25.47 -2.29
CA PHE B 42 -38.94 -26.32 -3.18
C PHE B 42 -39.07 -27.78 -2.76
N ASP B 43 -38.76 -28.68 -3.70
CA ASP B 43 -38.79 -30.11 -3.48
C ASP B 43 -37.47 -30.57 -2.85
N ALA B 44 -37.35 -31.90 -2.67
CA ALA B 44 -36.25 -32.48 -1.92
C ALA B 44 -34.91 -32.24 -2.62
N ALA B 45 -34.96 -31.98 -3.94
CA ALA B 45 -33.78 -31.77 -4.76
C ALA B 45 -33.43 -30.29 -4.85
N GLY B 46 -34.26 -29.43 -4.24
CA GLY B 46 -34.02 -27.99 -4.27
C GLY B 46 -34.59 -27.29 -5.49
N ARG B 47 -35.49 -27.97 -6.22
CA ARG B 47 -36.17 -27.38 -7.35
C ARG B 47 -37.42 -26.64 -6.86
N LEU B 48 -37.56 -25.37 -7.24
CA LEU B 48 -38.67 -24.55 -6.75
C LEU B 48 -39.99 -25.19 -7.16
N THR B 49 -40.99 -25.03 -6.29
CA THR B 49 -42.35 -25.45 -6.62
C THR B 49 -42.86 -24.55 -7.74
N PRO B 50 -43.75 -25.07 -8.63
CA PRO B 50 -44.38 -24.22 -9.64
C PRO B 50 -45.14 -23.05 -9.03
N GLU B 51 -45.75 -23.28 -7.85
CA GLU B 51 -46.53 -22.25 -7.18
C GLU B 51 -45.64 -21.11 -6.73
N PHE B 52 -44.52 -21.42 -6.04
CA PHE B 52 -43.64 -20.37 -5.55
C PHE B 52 -42.98 -19.65 -6.73
N SER B 53 -42.61 -20.42 -7.76
CA SER B 53 -42.02 -19.88 -8.97
C SER B 53 -42.96 -18.86 -9.61
N GLN B 54 -44.26 -19.18 -9.64
CA GLN B 54 -45.23 -18.26 -10.22
C GLN B 54 -45.31 -16.97 -9.40
N ARG B 55 -45.22 -17.08 -8.06
CA ARG B 55 -45.30 -15.89 -7.23
C ARG B 55 -44.09 -15.00 -7.48
N LEU B 56 -42.90 -15.60 -7.62
CA LEU B 56 -41.71 -14.85 -7.98
C LEU B 56 -41.91 -14.16 -9.32
N THR B 57 -42.43 -14.91 -10.31
CA THR B 57 -42.59 -14.39 -11.66
C THR B 57 -43.62 -13.26 -11.71
N ASN B 58 -44.72 -13.41 -10.97
CA ASN B 58 -45.73 -12.37 -10.92
C ASN B 58 -45.12 -11.07 -10.39
N LYS B 59 -44.28 -11.19 -9.36
CA LYS B 59 -43.69 -10.01 -8.75
C LYS B 59 -42.69 -9.36 -9.69
N ILE B 60 -41.91 -10.19 -10.41
CA ILE B 60 -40.97 -9.72 -11.42
C ILE B 60 -41.72 -8.88 -12.46
N ARG B 61 -42.84 -9.42 -12.95
CA ARG B 61 -43.67 -8.72 -13.93
C ARG B 61 -44.10 -7.35 -13.40
N GLU B 62 -44.57 -7.30 -12.14
CA GLU B 62 -45.07 -6.07 -11.56
C GLU B 62 -43.93 -5.06 -11.38
N LEU B 63 -42.81 -5.55 -10.85
CA LEU B 63 -41.71 -4.65 -10.53
C LEU B 63 -41.06 -4.13 -11.81
N LEU B 64 -41.01 -4.95 -12.88
CA LEU B 64 -40.43 -4.48 -14.12
C LEU B 64 -41.18 -3.27 -14.64
N GLN B 65 -42.51 -3.26 -14.50
CA GLN B 65 -43.33 -2.15 -14.96
CA GLN B 65 -43.32 -2.15 -14.97
C GLN B 65 -42.97 -0.89 -14.18
N GLN B 66 -42.81 -1.03 -12.86
CA GLN B 66 -42.45 0.09 -12.00
C GLN B 66 -41.07 0.61 -12.38
N MET B 67 -40.14 -0.33 -12.64
CA MET B 67 -38.77 0.02 -12.95
C MET B 67 -38.71 0.79 -14.26
N GLU B 68 -39.47 0.32 -15.26
CA GLU B 68 -39.44 0.95 -16.58
C GLU B 68 -39.94 2.40 -16.47
N ARG B 69 -41.00 2.60 -15.67
CA ARG B 69 -41.54 3.94 -15.47
C ARG B 69 -40.53 4.80 -14.70
N GLY B 70 -39.94 4.21 -13.66
CA GLY B 70 -38.99 4.91 -12.81
C GLY B 70 -37.75 5.39 -13.56
N LEU B 71 -37.26 4.56 -14.49
CA LEU B 71 -36.03 4.87 -15.20
C LEU B 71 -36.21 6.06 -16.13
N LYS B 72 -37.47 6.44 -16.41
CA LYS B 72 -37.72 7.60 -17.24
C LYS B 72 -37.17 8.87 -16.58
N SER B 73 -37.00 8.83 -15.25
CA SER B 73 -36.55 9.99 -14.50
C SER B 73 -35.08 9.87 -14.11
N ALA B 74 -34.41 8.80 -14.56
CA ALA B 74 -33.01 8.56 -14.20
C ALA B 74 -32.09 9.52 -14.95
N ASP B 75 -30.91 9.76 -14.36
CA ASP B 75 -29.91 10.66 -14.92
C ASP B 75 -29.47 10.15 -16.29
N PRO B 76 -29.64 10.94 -17.37
CA PRO B 76 -29.24 10.51 -18.72
C PRO B 76 -27.76 10.15 -18.85
N ARG B 77 -26.92 10.73 -17.97
CA ARG B 77 -25.47 10.73 -18.14
C ARG B 77 -24.83 9.46 -17.58
N ASP B 78 -25.50 8.80 -16.63
CA ASP B 78 -24.89 7.71 -15.89
C ASP B 78 -25.14 6.40 -16.63
N GLY B 79 -24.10 5.90 -17.30
CA GLY B 79 -24.20 4.68 -18.09
C GLY B 79 -23.67 3.46 -17.36
N THR B 80 -23.31 3.60 -16.07
CA THR B 80 -22.53 2.59 -15.36
C THR B 80 -23.37 1.37 -14.98
N GLY B 81 -22.68 0.26 -14.69
CA GLY B 81 -23.32 -0.93 -14.15
C GLY B 81 -23.95 -0.71 -12.77
N TYR B 82 -23.23 0.03 -11.92
CA TYR B 82 -23.60 0.20 -10.52
C TYR B 82 -24.92 0.97 -10.40
N THR B 83 -25.03 2.12 -11.09
CA THR B 83 -26.18 2.99 -10.87
C THR B 83 -26.90 3.40 -12.15
N GLY B 84 -26.39 2.99 -13.32
CA GLY B 84 -26.88 3.55 -14.58
C GLY B 84 -27.26 2.49 -15.61
N TRP B 85 -27.18 2.88 -16.89
CA TRP B 85 -27.81 2.16 -17.99
C TRP B 85 -27.24 0.77 -18.18
N ALA B 86 -25.92 0.60 -18.07
CA ALA B 86 -25.33 -0.70 -18.36
C ALA B 86 -25.86 -1.74 -17.38
N GLY B 87 -26.13 -1.33 -16.14
CA GLY B 87 -26.69 -2.22 -15.13
C GLY B 87 -28.09 -2.71 -15.48
N ILE B 88 -28.88 -1.83 -16.13
CA ILE B 88 -30.21 -2.21 -16.57
C ILE B 88 -30.07 -3.19 -17.74
N ALA B 89 -29.08 -2.98 -18.61
CA ALA B 89 -28.80 -3.94 -19.67
C ALA B 89 -28.44 -5.30 -19.09
N VAL B 90 -27.62 -5.31 -18.04
CA VAL B 90 -27.22 -6.54 -17.37
C VAL B 90 -28.48 -7.28 -16.91
N LEU B 91 -29.42 -6.55 -16.31
CA LEU B 91 -30.66 -7.17 -15.86
C LEU B 91 -31.38 -7.80 -17.05
N TYR B 92 -31.56 -7.04 -18.13
CA TYR B 92 -32.35 -7.54 -19.24
C TYR B 92 -31.69 -8.73 -19.94
N LEU B 93 -30.35 -8.74 -20.01
CA LEU B 93 -29.67 -9.90 -20.58
C LEU B 93 -29.97 -11.14 -19.72
N HIS B 94 -29.95 -10.95 -18.40
CA HIS B 94 -30.25 -12.02 -17.46
C HIS B 94 -31.69 -12.51 -17.64
N LEU B 95 -32.64 -11.57 -17.68
CA LEU B 95 -34.05 -11.91 -17.82
C LEU B 95 -34.30 -12.61 -19.14
N TYR B 96 -33.61 -12.17 -20.20
CA TYR B 96 -33.71 -12.83 -21.48
C TYR B 96 -33.26 -14.29 -21.39
N ASP B 97 -32.18 -14.53 -20.64
CA ASP B 97 -31.67 -15.88 -20.49
CA ASP B 97 -31.64 -15.86 -20.43
C ASP B 97 -32.63 -16.72 -19.65
N VAL B 98 -33.25 -16.11 -18.64
CA VAL B 98 -34.17 -16.83 -17.77
C VAL B 98 -35.46 -17.18 -18.51
N PHE B 99 -36.06 -16.19 -19.19
CA PHE B 99 -37.43 -16.32 -19.68
C PHE B 99 -37.51 -16.52 -21.20
N GLY B 100 -36.54 -15.98 -21.95
CA GLY B 100 -36.56 -16.07 -23.41
C GLY B 100 -37.52 -15.08 -24.08
N ASP B 101 -37.98 -14.08 -23.31
CA ASP B 101 -38.90 -13.08 -23.83
C ASP B 101 -38.15 -12.17 -24.79
N PRO B 102 -38.56 -12.08 -26.09
CA PRO B 102 -37.82 -11.28 -27.06
C PRO B 102 -37.76 -9.79 -26.70
N ALA B 103 -38.79 -9.30 -25.98
CA ALA B 103 -38.81 -7.89 -25.58
C ALA B 103 -37.60 -7.58 -24.69
N TYR B 104 -37.16 -8.56 -23.90
CA TYR B 104 -36.06 -8.33 -22.96
C TYR B 104 -34.76 -8.11 -23.71
N LEU B 105 -34.55 -8.84 -24.81
CA LEU B 105 -33.36 -8.66 -25.62
C LEU B 105 -33.37 -7.26 -26.25
N GLN B 106 -34.53 -6.85 -26.76
CA GLN B 106 -34.70 -5.54 -27.38
C GLN B 106 -34.41 -4.43 -26.37
N LEU B 107 -34.92 -4.61 -25.14
CA LEU B 107 -34.72 -3.65 -24.06
CA LEU B 107 -34.71 -3.62 -24.10
C LEU B 107 -33.23 -3.56 -23.72
N ALA B 108 -32.59 -4.73 -23.66
CA ALA B 108 -31.16 -4.78 -23.35
C ALA B 108 -30.38 -3.97 -24.40
N HIS B 109 -30.77 -4.13 -25.67
CA HIS B 109 -30.12 -3.41 -26.76
C HIS B 109 -30.26 -1.91 -26.56
N GLY B 110 -31.47 -1.45 -26.23
CA GLY B 110 -31.74 -0.04 -26.01
C GLY B 110 -30.85 0.54 -24.91
N TYR B 111 -30.76 -0.18 -23.79
CA TYR B 111 -29.99 0.28 -22.64
C TYR B 111 -28.49 0.26 -22.96
N VAL B 112 -28.04 -0.72 -23.77
CA VAL B 112 -26.66 -0.80 -24.21
C VAL B 112 -26.32 0.45 -25.03
N LYS B 113 -27.20 0.80 -25.98
CA LYS B 113 -26.95 1.93 -26.84
C LYS B 113 -26.81 3.21 -26.01
N GLN B 114 -27.70 3.35 -25.01
CA GLN B 114 -27.64 4.49 -24.10
C GLN B 114 -26.30 4.50 -23.38
N SER B 115 -25.88 3.34 -22.87
CA SER B 115 -24.68 3.28 -22.05
C SER B 115 -23.45 3.66 -22.86
N LEU B 116 -23.42 3.29 -24.14
CA LEU B 116 -22.27 3.54 -24.99
C LEU B 116 -22.16 5.03 -25.32
N ASN B 117 -23.23 5.79 -25.06
CA ASN B 117 -23.21 7.23 -25.26
C ASN B 117 -22.78 7.94 -23.98
N CYS B 118 -22.36 7.18 -22.96
CA CYS B 118 -22.10 7.72 -21.64
C CYS B 118 -20.67 7.46 -21.20
N LEU B 119 -19.78 7.08 -22.13
CA LEU B 119 -18.40 6.80 -21.73
C LEU B 119 -17.74 8.09 -21.27
N THR B 120 -16.92 8.00 -20.20
CA THR B 120 -16.36 9.19 -19.58
C THR B 120 -14.83 9.15 -19.58
N LYS B 121 -14.25 7.96 -19.76
CA LYS B 121 -12.81 7.74 -19.78
C LYS B 121 -12.20 7.94 -18.39
N ARG B 122 -13.02 7.90 -17.33
CA ARG B 122 -12.55 8.23 -15.99
C ARG B 122 -12.26 6.97 -15.17
N SER B 123 -12.89 5.86 -15.53
CA SER B 123 -12.72 4.63 -14.76
C SER B 123 -12.72 3.41 -15.67
N ILE B 124 -12.15 2.31 -15.16
CA ILE B 124 -11.85 1.12 -15.94
C ILE B 124 -12.77 -0.04 -15.56
N THR B 125 -13.63 0.13 -14.54
CA THR B 125 -14.28 -1.04 -13.96
C THR B 125 -15.60 -1.38 -14.64
N PHE B 126 -16.03 -2.63 -14.47
CA PHE B 126 -17.34 -3.07 -14.93
C PHE B 126 -18.44 -2.27 -14.25
N LEU B 127 -18.30 -2.04 -12.94
CA LEU B 127 -19.41 -1.44 -12.19
C LEU B 127 -19.44 0.08 -12.32
N CYS B 128 -18.28 0.74 -12.35
CA CYS B 128 -18.33 2.20 -12.24
C CYS B 128 -17.57 2.89 -13.38
N GLY B 129 -17.12 2.11 -14.36
CA GLY B 129 -16.29 2.65 -15.43
C GLY B 129 -16.77 2.24 -16.82
N ASP B 130 -15.93 2.52 -17.81
CA ASP B 130 -16.32 2.32 -19.21
C ASP B 130 -16.33 0.84 -19.59
N ALA B 131 -15.76 -0.02 -18.73
CA ALA B 131 -15.68 -1.44 -19.06
C ALA B 131 -17.05 -2.10 -18.99
N GLY B 132 -17.94 -1.55 -18.14
CA GLY B 132 -19.31 -2.04 -18.04
C GLY B 132 -20.03 -1.92 -19.38
N PRO B 133 -20.24 -0.69 -19.91
CA PRO B 133 -20.85 -0.52 -21.22
C PRO B 133 -20.21 -1.38 -22.31
N LEU B 134 -18.87 -1.44 -22.35
CA LEU B 134 -18.21 -2.13 -23.45
C LEU B 134 -18.37 -3.65 -23.34
N ALA B 135 -18.20 -4.20 -22.13
CA ALA B 135 -18.29 -5.65 -21.95
C ALA B 135 -19.72 -6.12 -22.17
N VAL B 136 -20.69 -5.35 -21.66
CA VAL B 136 -22.10 -5.71 -21.81
C VAL B 136 -22.49 -5.59 -23.29
N ALA B 137 -22.02 -4.53 -23.96
CA ALA B 137 -22.30 -4.35 -25.37
C ALA B 137 -21.74 -5.52 -26.19
N ALA B 138 -20.50 -5.94 -25.89
CA ALA B 138 -19.88 -7.06 -26.58
C ALA B 138 -20.79 -8.28 -26.52
N VAL B 139 -21.33 -8.55 -25.32
CA VAL B 139 -22.15 -9.73 -25.07
C VAL B 139 -23.50 -9.58 -25.76
N LEU B 140 -24.11 -8.39 -25.69
CA LEU B 140 -25.39 -8.18 -26.34
C LEU B 140 -25.25 -8.37 -27.84
N TYR B 141 -24.22 -7.74 -28.43
CA TYR B 141 -24.04 -7.81 -29.88
C TYR B 141 -23.82 -9.26 -30.32
N HIS B 142 -23.06 -10.00 -29.50
CA HIS B 142 -22.82 -11.42 -29.75
C HIS B 142 -24.14 -12.20 -29.74
N LYS B 143 -25.03 -11.85 -28.81
CA LYS B 143 -26.32 -12.52 -28.68
C LYS B 143 -27.22 -12.17 -29.88
N MET B 144 -27.01 -11.00 -30.49
CA MET B 144 -27.86 -10.51 -31.56
C MET B 144 -27.24 -10.82 -32.92
N ASN B 145 -26.25 -11.74 -32.93
CA ASN B 145 -25.59 -12.18 -34.14
C ASN B 145 -24.95 -10.99 -34.86
N ASN B 146 -24.29 -10.11 -34.09
CA ASN B 146 -23.63 -8.93 -34.65
C ASN B 146 -22.15 -9.00 -34.32
N GLU B 147 -21.41 -9.82 -35.09
CA GLU B 147 -20.02 -10.13 -34.82
C GLU B 147 -19.17 -8.87 -34.88
N LYS B 148 -19.48 -8.03 -35.86
CA LYS B 148 -18.69 -6.85 -36.19
C LYS B 148 -18.63 -5.90 -35.00
N GLN B 149 -19.82 -5.59 -34.45
CA GLN B 149 -19.92 -4.69 -33.31
C GLN B 149 -19.38 -5.36 -32.04
N ALA B 150 -19.59 -6.67 -31.92
CA ALA B 150 -19.08 -7.41 -30.77
C ALA B 150 -17.55 -7.29 -30.70
N GLU B 151 -16.89 -7.48 -31.85
CA GLU B 151 -15.43 -7.48 -31.89
C GLU B 151 -14.89 -6.09 -31.62
N ASP B 152 -15.57 -5.06 -32.15
CA ASP B 152 -15.14 -3.68 -31.92
C ASP B 152 -15.20 -3.36 -30.43
N CYS B 153 -16.25 -3.85 -29.77
CA CYS B 153 -16.43 -3.59 -28.34
C CYS B 153 -15.34 -4.28 -27.53
N ILE B 154 -14.95 -5.50 -27.94
CA ILE B 154 -13.88 -6.22 -27.27
C ILE B 154 -12.57 -5.46 -27.44
N THR B 155 -12.31 -4.97 -28.66
CA THR B 155 -11.09 -4.23 -28.91
C THR B 155 -10.99 -3.04 -27.95
N ARG B 156 -12.09 -2.28 -27.86
CA ARG B 156 -12.11 -1.08 -27.04
C ARG B 156 -11.95 -1.43 -25.56
N LEU B 157 -12.53 -2.57 -25.15
CA LEU B 157 -12.45 -3.03 -23.78
C LEU B 157 -11.01 -3.36 -23.41
N ILE B 158 -10.29 -4.04 -24.32
CA ILE B 158 -8.91 -4.43 -24.09
C ILE B 158 -8.02 -3.20 -23.97
N HIS B 159 -8.29 -2.19 -24.81
CA HIS B 159 -7.44 -1.01 -24.88
C HIS B 159 -7.63 -0.10 -23.67
N LEU B 160 -8.63 -0.40 -22.84
CA LEU B 160 -9.09 0.50 -21.79
C LEU B 160 -8.10 0.63 -20.64
N ASN B 161 -7.36 -0.44 -20.30
CA ASN B 161 -6.60 -0.45 -19.06
C ASN B 161 -5.29 0.36 -19.21
N LYS B 162 -5.04 0.89 -20.40
CA LYS B 162 -3.88 1.74 -20.63
C LYS B 162 -4.10 3.11 -19.97
N ILE B 163 -5.36 3.44 -19.69
CA ILE B 163 -5.74 4.79 -19.28
C ILE B 163 -5.52 5.01 -17.78
N ASP B 164 -5.39 3.90 -17.02
CA ASP B 164 -5.26 4.01 -15.57
C ASP B 164 -4.27 2.97 -15.04
N PRO B 165 -2.94 3.21 -15.17
CA PRO B 165 -1.93 2.27 -14.67
C PRO B 165 -1.68 2.34 -13.16
N HIS B 166 -2.14 3.42 -12.52
CA HIS B 166 -1.91 3.59 -11.09
C HIS B 166 -3.22 3.48 -10.31
N ALA B 167 -4.12 2.63 -10.82
CA ALA B 167 -5.44 2.41 -10.24
C ALA B 167 -5.32 1.77 -8.85
N PRO B 168 -6.39 1.85 -8.02
CA PRO B 168 -6.52 0.97 -6.85
C PRO B 168 -6.75 -0.46 -7.32
N ASN B 169 -6.96 -1.35 -6.36
CA ASN B 169 -6.99 -2.78 -6.65
C ASN B 169 -8.40 -3.37 -6.53
N GLU B 170 -9.36 -2.58 -6.04
CA GLU B 170 -10.63 -3.10 -5.55
C GLU B 170 -11.70 -3.13 -6.65
N MET B 171 -12.93 -3.47 -6.25
CA MET B 171 -13.96 -3.87 -7.18
C MET B 171 -14.61 -2.68 -7.90
N LEU B 172 -14.87 -1.58 -7.19
CA LEU B 172 -15.68 -0.52 -7.79
C LEU B 172 -14.84 0.40 -8.68
N TYR B 173 -13.57 0.62 -8.32
CA TYR B 173 -12.75 1.59 -9.04
C TYR B 173 -11.39 1.03 -9.46
N GLY B 174 -11.13 -0.24 -9.16
CA GLY B 174 -9.78 -0.77 -9.28
C GLY B 174 -9.64 -2.01 -10.16
N ARG B 175 -8.49 -2.66 -10.02
CA ARG B 175 -8.03 -3.64 -11.00
C ARG B 175 -8.94 -4.85 -11.08
N ILE B 176 -9.47 -5.35 -9.95
CA ILE B 176 -10.30 -6.54 -10.04
C ILE B 176 -11.62 -6.22 -10.74
N GLY B 177 -12.06 -4.96 -10.66
CA GLY B 177 -13.27 -4.53 -11.34
C GLY B 177 -13.11 -4.56 -12.86
N TYR B 178 -11.88 -4.31 -13.33
CA TYR B 178 -11.60 -4.42 -14.75
C TYR B 178 -11.47 -5.90 -15.14
N ILE B 179 -10.79 -6.69 -14.29
CA ILE B 179 -10.72 -8.12 -14.51
C ILE B 179 -12.12 -8.72 -14.69
N TYR B 180 -13.08 -8.31 -13.86
CA TYR B 180 -14.41 -8.88 -13.97
C TYR B 180 -14.97 -8.71 -15.39
N ALA B 181 -14.75 -7.52 -15.97
CA ALA B 181 -15.26 -7.23 -17.31
C ALA B 181 -14.69 -8.21 -18.33
N LEU B 182 -13.39 -8.53 -18.21
CA LEU B 182 -12.75 -9.48 -19.12
C LEU B 182 -13.32 -10.88 -18.93
N LEU B 183 -13.50 -11.29 -17.68
CA LEU B 183 -14.08 -12.59 -17.33
C LEU B 183 -15.50 -12.70 -17.89
N PHE B 184 -16.24 -11.58 -17.86
CA PHE B 184 -17.64 -11.53 -18.27
C PHE B 184 -17.75 -11.84 -19.76
N VAL B 185 -16.81 -11.27 -20.54
CA VAL B 185 -16.71 -11.56 -21.96
C VAL B 185 -16.37 -13.04 -22.16
N ASN B 186 -15.33 -13.52 -21.49
CA ASN B 186 -14.89 -14.91 -21.63
C ASN B 186 -16.00 -15.89 -21.24
N LYS B 187 -16.79 -15.52 -20.22
CA LYS B 187 -17.86 -16.39 -19.77
C LYS B 187 -18.90 -16.58 -20.88
N ASN B 188 -19.12 -15.51 -21.65
CA ASN B 188 -20.21 -15.48 -22.63
C ASN B 188 -19.72 -15.94 -23.99
N PHE B 189 -18.42 -15.76 -24.28
CA PHE B 189 -17.87 -16.08 -25.59
C PHE B 189 -17.13 -17.42 -25.59
N GLY B 190 -16.59 -17.83 -24.43
CA GLY B 190 -15.82 -19.06 -24.34
C GLY B 190 -14.36 -18.81 -24.00
N VAL B 191 -13.62 -19.91 -23.78
CA VAL B 191 -12.31 -19.89 -23.15
C VAL B 191 -11.36 -18.91 -23.85
N GLU B 192 -10.88 -17.92 -23.10
CA GLU B 192 -9.79 -17.03 -23.49
C GLU B 192 -10.07 -16.36 -24.83
N LYS B 193 -11.34 -15.98 -25.06
CA LYS B 193 -11.70 -15.06 -26.13
C LYS B 193 -10.88 -13.78 -25.99
N ILE B 194 -10.84 -13.24 -24.77
CA ILE B 194 -9.80 -12.28 -24.40
C ILE B 194 -8.63 -13.09 -23.86
N PRO B 195 -7.42 -12.99 -24.46
CA PRO B 195 -6.29 -13.82 -24.05
C PRO B 195 -6.01 -13.70 -22.56
N GLN B 196 -5.59 -14.83 -21.97
CA GLN B 196 -5.34 -14.92 -20.54
C GLN B 196 -4.20 -13.97 -20.12
N SER B 197 -3.31 -13.68 -21.07
CA SER B 197 -2.16 -12.83 -20.80
C SER B 197 -2.58 -11.47 -20.25
N HIS B 198 -3.75 -10.98 -20.67
CA HIS B 198 -4.24 -9.69 -20.19
C HIS B 198 -4.54 -9.76 -18.70
N ILE B 199 -5.26 -10.82 -18.31
CA ILE B 199 -5.63 -11.04 -16.92
C ILE B 199 -4.37 -11.31 -16.09
N GLN B 200 -3.46 -12.12 -16.65
CA GLN B 200 -2.25 -12.52 -15.96
C GLN B 200 -1.43 -11.28 -15.57
N GLN B 201 -1.28 -10.35 -16.51
CA GLN B 201 -0.45 -9.18 -16.26
C GLN B 201 -1.06 -8.30 -15.18
N ILE B 202 -2.40 -8.22 -15.13
CA ILE B 202 -3.08 -7.43 -14.12
C ILE B 202 -2.92 -8.11 -12.76
N CYS B 203 -3.00 -9.44 -12.74
CA CYS B 203 -2.85 -10.20 -11.51
CA CYS B 203 -2.85 -10.22 -11.52
C CYS B 203 -1.47 -9.99 -10.92
N GLU B 204 -0.45 -9.98 -11.80
CA GLU B 204 0.93 -9.74 -11.39
C GLU B 204 1.02 -8.37 -10.73
N THR B 205 0.39 -7.36 -11.36
CA THR B 205 0.39 -6.00 -10.85
C THR B 205 -0.26 -5.94 -9.47
N ILE B 206 -1.41 -6.63 -9.31
CA ILE B 206 -2.13 -6.64 -8.04
C ILE B 206 -1.27 -7.23 -6.93
N LEU B 207 -0.62 -8.36 -7.22
CA LEU B 207 0.21 -9.02 -6.22
C LEU B 207 1.40 -8.15 -5.85
N THR B 208 2.05 -7.54 -6.85
CA THR B 208 3.19 -6.66 -6.62
C THR B 208 2.79 -5.49 -5.73
N SER B 209 1.65 -4.86 -6.07
CA SER B 209 1.09 -3.76 -5.30
CA SER B 209 1.10 -3.76 -5.30
C SER B 209 0.90 -4.18 -3.84
N GLY B 210 0.31 -5.35 -3.64
CA GLY B 210 0.01 -5.83 -2.30
C GLY B 210 1.28 -6.06 -1.47
N GLU B 211 2.29 -6.70 -2.10
CA GLU B 211 3.54 -6.98 -1.42
C GLU B 211 4.23 -5.68 -1.06
N ASN B 212 4.22 -4.71 -1.99
CA ASN B 212 4.93 -3.46 -1.81
C ASN B 212 4.33 -2.67 -0.64
N LEU B 213 3.00 -2.57 -0.58
CA LEU B 213 2.37 -1.81 0.49
C LEU B 213 2.57 -2.50 1.84
N ALA B 214 2.49 -3.84 1.86
CA ALA B 214 2.66 -4.55 3.11
C ALA B 214 4.08 -4.33 3.64
N ARG B 215 5.06 -4.30 2.73
CA ARG B 215 6.44 -4.11 3.13
C ARG B 215 6.66 -2.69 3.64
N LYS B 216 6.08 -1.72 2.91
CA LYS B 216 6.26 -0.31 3.23
CA LYS B 216 6.28 -0.31 3.24
C LYS B 216 5.71 -0.01 4.62
N ARG B 217 4.56 -0.63 4.94
CA ARG B 217 3.86 -0.36 6.18
C ARG B 217 4.15 -1.39 7.28
N ASN B 218 5.09 -2.31 6.95
N ASN B 218 5.07 -2.32 7.01
CA ASN B 218 5.64 -3.38 7.79
CA ASN B 218 5.49 -3.23 8.06
C ASN B 218 4.55 -4.34 8.29
C ASN B 218 4.32 -4.14 8.44
N PHE B 219 3.56 -4.60 7.43
CA PHE B 219 2.49 -5.54 7.69
C PHE B 219 2.96 -6.98 7.50
N THR B 220 4.08 -7.18 6.80
CA THR B 220 4.46 -8.44 6.16
C THR B 220 4.30 -9.64 7.10
N ALA B 221 4.71 -9.49 8.37
CA ALA B 221 4.74 -10.63 9.28
C ALA B 221 3.33 -11.14 9.56
N LYS B 222 2.35 -10.23 9.61
CA LYS B 222 0.97 -10.56 9.91
C LYS B 222 0.15 -10.73 8.63
N SER B 223 0.54 -10.01 7.56
CA SER B 223 -0.18 -10.06 6.30
C SER B 223 0.77 -9.75 5.15
N PRO B 224 1.20 -10.74 4.35
CA PRO B 224 2.12 -10.51 3.23
C PRO B 224 1.63 -9.54 2.16
N LEU B 225 0.29 -9.40 2.06
CA LEU B 225 -0.33 -8.43 1.15
C LEU B 225 -1.10 -7.39 1.95
N MET B 226 -1.15 -6.16 1.42
CA MET B 226 -2.03 -5.13 1.95
C MET B 226 -2.48 -4.22 0.82
N TYR B 227 -3.74 -3.76 0.91
CA TYR B 227 -4.35 -2.89 -0.08
C TYR B 227 -5.11 -1.77 0.62
N GLU B 228 -5.30 -0.67 -0.10
CA GLU B 228 -6.00 0.48 0.44
C GLU B 228 -6.77 1.19 -0.67
N TRP B 229 -7.83 1.88 -0.26
CA TRP B 229 -8.59 2.72 -1.17
C TRP B 229 -9.08 3.93 -0.37
N TYR B 230 -8.96 5.11 -0.97
CA TYR B 230 -9.40 6.35 -0.33
C TYR B 230 -8.72 6.45 1.03
N GLN B 231 -7.45 6.03 1.09
CA GLN B 231 -6.59 6.18 2.26
C GLN B 231 -7.15 5.45 3.49
N GLU B 232 -7.80 4.30 3.27
CA GLU B 232 -8.19 3.43 4.36
C GLU B 232 -7.99 1.98 3.93
N TYR B 233 -7.75 1.11 4.93
CA TYR B 233 -7.64 -0.31 4.67
C TYR B 233 -9.04 -0.95 4.76
N TYR B 234 -9.78 -0.84 3.65
CA TYR B 234 -11.10 -1.46 3.58
C TYR B 234 -10.98 -2.97 3.63
N VAL B 235 -11.96 -3.62 4.28
CA VAL B 235 -11.90 -5.04 4.58
C VAL B 235 -12.81 -5.83 3.63
N GLY B 236 -13.88 -5.20 3.14
CA GLY B 236 -15.01 -5.93 2.57
C GLY B 236 -14.93 -6.12 1.05
N ALA B 237 -16.07 -6.53 0.46
CA ALA B 237 -16.11 -6.97 -0.92
C ALA B 237 -15.98 -5.81 -1.90
N ALA B 238 -16.65 -4.68 -1.61
CA ALA B 238 -16.78 -3.60 -2.57
C ALA B 238 -15.44 -2.88 -2.78
N HIS B 239 -14.78 -2.55 -1.68
CA HIS B 239 -13.62 -1.68 -1.76
C HIS B 239 -12.39 -2.30 -1.09
N GLY B 240 -12.49 -3.53 -0.59
CA GLY B 240 -11.52 -3.99 0.38
C GLY B 240 -10.90 -5.36 0.11
N LEU B 241 -10.25 -5.88 1.15
CA LEU B 241 -9.37 -7.04 1.08
C LEU B 241 -10.16 -8.28 0.67
N ALA B 242 -11.37 -8.44 1.21
CA ALA B 242 -12.14 -9.66 0.99
C ALA B 242 -12.46 -9.81 -0.50
N GLY B 243 -12.78 -8.71 -1.17
CA GLY B 243 -13.03 -8.74 -2.61
C GLY B 243 -11.77 -9.12 -3.38
N ILE B 244 -10.65 -8.49 -3.03
CA ILE B 244 -9.39 -8.74 -3.73
C ILE B 244 -8.99 -10.21 -3.56
N TYR B 245 -9.04 -10.72 -2.33
CA TYR B 245 -8.59 -12.09 -2.07
C TYR B 245 -9.53 -13.11 -2.69
N TYR B 246 -10.84 -12.82 -2.68
CA TYR B 246 -11.79 -13.69 -3.36
C TYR B 246 -11.36 -13.87 -4.81
N TYR B 247 -10.96 -12.78 -5.47
CA TYR B 247 -10.50 -12.85 -6.85
C TYR B 247 -9.16 -13.59 -6.97
N LEU B 248 -8.19 -13.28 -6.10
CA LEU B 248 -6.87 -13.87 -6.25
C LEU B 248 -6.92 -15.38 -6.05
N MET B 249 -7.95 -15.89 -5.35
CA MET B 249 -8.08 -17.31 -5.08
C MET B 249 -8.83 -18.03 -6.21
N GLN B 250 -9.32 -17.31 -7.21
CA GLN B 250 -10.12 -17.93 -8.28
C GLN B 250 -9.21 -18.70 -9.23
N PRO B 251 -9.46 -20.00 -9.48
CA PRO B 251 -8.70 -20.75 -10.48
C PRO B 251 -8.61 -20.04 -11.83
N SER B 252 -9.63 -19.24 -12.17
CA SER B 252 -9.63 -18.57 -13.48
C SER B 252 -8.63 -17.41 -13.54
N LEU B 253 -8.11 -16.96 -12.39
CA LEU B 253 -7.06 -15.94 -12.42
C LEU B 253 -5.66 -16.58 -12.44
N GLN B 254 -5.60 -17.90 -12.20
CA GLN B 254 -4.41 -18.72 -12.42
C GLN B 254 -3.20 -18.27 -11.59
N VAL B 255 -3.43 -17.72 -10.39
CA VAL B 255 -2.33 -17.42 -9.49
C VAL B 255 -1.65 -18.73 -9.15
N SER B 256 -0.30 -18.71 -9.12
CA SER B 256 0.48 -19.91 -8.90
C SER B 256 0.24 -20.46 -7.50
N GLN B 257 0.46 -21.77 -7.33
CA GLN B 257 0.33 -22.39 -6.03
C GLN B 257 1.31 -21.72 -5.06
N GLY B 258 2.47 -21.34 -5.60
CA GLY B 258 3.50 -20.68 -4.81
C GLY B 258 2.97 -19.40 -4.16
N LYS B 259 2.38 -18.53 -4.99
CA LYS B 259 1.90 -17.25 -4.51
C LYS B 259 0.61 -17.41 -3.71
N LEU B 260 -0.20 -18.43 -4.07
CA LEU B 260 -1.44 -18.70 -3.35
CA LEU B 260 -1.44 -18.67 -3.35
C LEU B 260 -1.14 -18.98 -1.89
N HIS B 261 -0.13 -19.83 -1.65
CA HIS B 261 0.17 -20.28 -0.30
C HIS B 261 1.06 -19.28 0.44
N SER B 262 2.02 -18.68 -0.26
CA SER B 262 2.99 -17.83 0.41
C SER B 262 2.46 -16.41 0.64
N LEU B 263 1.55 -15.95 -0.23
CA LEU B 263 1.10 -14.56 -0.14
C LEU B 263 -0.39 -14.48 0.18
N VAL B 264 -1.23 -15.20 -0.58
CA VAL B 264 -2.66 -15.01 -0.48
C VAL B 264 -3.20 -15.63 0.82
N LYS B 265 -2.84 -16.90 1.10
CA LYS B 265 -3.45 -17.59 2.24
C LYS B 265 -3.22 -16.84 3.55
N PRO B 266 -1.98 -16.43 3.92
CA PRO B 266 -1.79 -15.73 5.19
C PRO B 266 -2.46 -14.36 5.22
N SER B 267 -2.64 -13.74 4.06
CA SER B 267 -3.37 -12.47 3.97
C SER B 267 -4.87 -12.67 4.24
N VAL B 268 -5.42 -13.79 3.76
CA VAL B 268 -6.79 -14.19 4.05
C VAL B 268 -6.93 -14.43 5.55
N ASP B 269 -5.97 -15.15 6.13
CA ASP B 269 -6.00 -15.46 7.55
C ASP B 269 -6.03 -14.18 8.36
N TYR B 270 -5.29 -13.16 7.91
CA TYR B 270 -5.30 -11.87 8.58
C TYR B 270 -6.71 -11.28 8.59
N VAL B 271 -7.42 -11.35 7.46
CA VAL B 271 -8.79 -10.86 7.42
C VAL B 271 -9.67 -11.65 8.39
N CYS B 272 -9.50 -12.98 8.41
CA CYS B 272 -10.31 -13.83 9.27
C CYS B 272 -10.20 -13.41 10.73
N GLN B 273 -9.02 -12.93 11.12
CA GLN B 273 -8.70 -12.55 12.48
C GLN B 273 -9.31 -11.20 12.84
N LEU B 274 -9.89 -10.49 11.86
CA LEU B 274 -10.51 -9.19 12.12
C LEU B 274 -11.96 -9.34 12.56
N LYS B 275 -12.50 -10.57 12.51
CA LYS B 275 -13.92 -10.78 12.78
C LYS B 275 -14.28 -10.25 14.16
N PHE B 276 -15.47 -9.62 14.25
CA PHE B 276 -16.03 -9.16 15.50
C PHE B 276 -16.51 -10.37 16.31
N PRO B 277 -16.70 -10.25 17.64
CA PRO B 277 -17.32 -11.33 18.42
C PRO B 277 -18.62 -11.85 17.82
N SER B 278 -19.36 -10.96 17.14
CA SER B 278 -20.67 -11.26 16.58
C SER B 278 -20.56 -12.17 15.35
N GLY B 279 -19.39 -12.16 14.69
CA GLY B 279 -19.20 -12.88 13.45
C GLY B 279 -19.24 -11.95 12.24
N ASN B 280 -19.62 -10.70 12.49
CA ASN B 280 -19.57 -9.68 11.45
C ASN B 280 -18.11 -9.21 11.30
N TYR B 281 -17.86 -8.40 10.27
CA TYR B 281 -16.52 -7.88 9.98
C TYR B 281 -16.56 -6.35 9.96
N PRO B 282 -15.49 -5.68 10.45
CA PRO B 282 -15.40 -4.22 10.38
C PRO B 282 -15.27 -3.72 8.94
N PRO B 283 -15.75 -2.51 8.60
CA PRO B 283 -15.56 -1.94 7.26
C PRO B 283 -14.08 -1.68 6.94
N CYS B 284 -13.34 -1.18 7.93
CA CYS B 284 -11.92 -0.89 7.77
C CYS B 284 -11.16 -1.44 8.96
N ILE B 285 -9.88 -1.78 8.73
CA ILE B 285 -9.03 -2.21 9.84
C ILE B 285 -9.07 -1.12 10.91
N GLY B 286 -9.34 -1.54 12.16
CA GLY B 286 -9.30 -0.62 13.28
C GLY B 286 -10.67 -0.11 13.71
N ASP B 287 -11.70 -0.38 12.90
CA ASP B 287 -13.06 0.03 13.21
C ASP B 287 -13.61 -0.82 14.34
N ASN B 288 -14.19 -0.17 15.35
CA ASN B 288 -14.65 -0.87 16.55
C ASN B 288 -16.17 -0.99 16.56
N ARG B 289 -16.85 -0.26 15.65
CA ARG B 289 -18.30 -0.25 15.58
C ARG B 289 -18.77 -1.39 14.69
N ASP B 290 -19.59 -2.28 15.27
CA ASP B 290 -20.16 -3.42 14.57
C ASP B 290 -21.58 -3.05 14.14
N LEU B 291 -21.72 -2.61 12.88
CA LEU B 291 -22.92 -1.86 12.49
C LEU B 291 -23.47 -2.32 11.13
N LEU B 292 -22.59 -2.51 10.15
CA LEU B 292 -23.02 -2.67 8.75
C LEU B 292 -23.03 -4.14 8.36
N VAL B 293 -24.19 -4.60 7.88
CA VAL B 293 -24.37 -5.95 7.37
C VAL B 293 -24.75 -5.80 5.89
N HIS B 294 -23.73 -5.53 5.07
CA HIS B 294 -23.93 -5.21 3.66
C HIS B 294 -22.99 -6.08 2.82
N TRP B 295 -23.34 -6.24 1.54
CA TRP B 295 -22.37 -6.79 0.61
C TRP B 295 -21.11 -5.91 0.60
N CYS B 296 -21.31 -4.58 0.57
CA CYS B 296 -20.18 -3.68 0.39
C CYS B 296 -19.25 -3.68 1.62
N HIS B 297 -19.84 -3.77 2.82
CA HIS B 297 -19.12 -3.76 4.09
C HIS B 297 -19.77 -4.77 5.02
N GLY B 298 -18.97 -5.71 5.54
CA GLY B 298 -19.46 -6.66 6.53
C GLY B 298 -19.63 -8.08 5.99
N ALA B 299 -20.31 -8.91 6.78
CA ALA B 299 -20.41 -10.35 6.56
C ALA B 299 -20.96 -10.72 5.18
N PRO B 300 -21.99 -10.03 4.61
CA PRO B 300 -22.55 -10.45 3.33
C PRO B 300 -21.57 -10.39 2.15
N GLY B 301 -20.49 -9.62 2.30
CA GLY B 301 -19.46 -9.59 1.27
C GLY B 301 -18.24 -10.42 1.65
N VAL B 302 -17.90 -10.47 2.93
CA VAL B 302 -16.73 -11.21 3.37
C VAL B 302 -16.97 -12.71 3.19
N ILE B 303 -18.24 -13.13 3.21
CA ILE B 303 -18.57 -14.55 3.12
C ILE B 303 -17.99 -15.18 1.85
N TYR B 304 -17.90 -14.42 0.76
CA TYR B 304 -17.41 -14.96 -0.51
C TYR B 304 -15.94 -15.37 -0.38
N MET B 305 -15.16 -14.54 0.30
CA MET B 305 -13.75 -14.84 0.54
C MET B 305 -13.63 -16.11 1.37
N LEU B 306 -14.48 -16.24 2.40
CA LEU B 306 -14.40 -17.38 3.31
C LEU B 306 -14.74 -18.68 2.57
N ILE B 307 -15.83 -18.64 1.77
CA ILE B 307 -16.25 -19.81 1.03
C ILE B 307 -15.18 -20.20 0.02
N GLN B 308 -14.60 -19.21 -0.66
CA GLN B 308 -13.57 -19.49 -1.66
C GLN B 308 -12.33 -20.07 -0.98
N ALA B 309 -11.97 -19.57 0.21
CA ALA B 309 -10.84 -20.10 0.94
C ALA B 309 -11.09 -21.55 1.34
N TYR B 310 -12.32 -21.86 1.72
CA TYR B 310 -12.64 -23.25 2.01
C TYR B 310 -12.47 -24.12 0.78
N LYS B 311 -12.91 -23.64 -0.39
CA LYS B 311 -12.85 -24.43 -1.61
C LYS B 311 -11.41 -24.73 -2.01
N VAL B 312 -10.53 -23.74 -1.87
CA VAL B 312 -9.17 -23.80 -2.40
CA VAL B 312 -9.19 -23.87 -2.43
C VAL B 312 -8.24 -24.46 -1.39
N PHE B 313 -8.46 -24.16 -0.11
CA PHE B 313 -7.52 -24.59 0.94
C PHE B 313 -8.05 -25.77 1.73
N ARG B 314 -9.38 -25.97 1.71
CA ARG B 314 -10.03 -27.15 2.26
C ARG B 314 -9.79 -27.26 3.77
N GLU B 315 -9.83 -26.11 4.46
CA GLU B 315 -9.69 -26.06 5.90
C GLU B 315 -11.02 -25.67 6.52
N GLU B 316 -11.42 -26.43 7.56
CA GLU B 316 -12.76 -26.35 8.13
C GLU B 316 -13.02 -24.97 8.74
N LYS B 317 -11.96 -24.32 9.24
CA LYS B 317 -12.12 -23.04 9.91
C LYS B 317 -12.84 -22.02 9.01
N TYR B 318 -12.57 -22.09 7.70
CA TYR B 318 -13.14 -21.11 6.78
C TYR B 318 -14.65 -21.33 6.63
N LEU B 319 -15.04 -22.60 6.56
CA LEU B 319 -16.44 -22.97 6.46
C LEU B 319 -17.16 -22.58 7.75
N CYS B 320 -16.51 -22.77 8.90
CA CYS B 320 -17.06 -22.41 10.20
CA CYS B 320 -17.10 -22.41 10.18
C CYS B 320 -17.40 -20.91 10.20
N ASP B 321 -16.44 -20.10 9.75
CA ASP B 321 -16.60 -18.66 9.68
C ASP B 321 -17.74 -18.28 8.73
N ALA B 322 -17.87 -19.02 7.62
CA ALA B 322 -18.94 -18.77 6.66
C ALA B 322 -20.31 -19.05 7.28
N TYR B 323 -20.42 -20.14 8.04
CA TYR B 323 -21.67 -20.46 8.73
C TYR B 323 -22.06 -19.32 9.66
N GLN B 324 -21.07 -18.75 10.36
CA GLN B 324 -21.32 -17.66 11.28
C GLN B 324 -21.81 -16.42 10.51
N CYS B 325 -21.22 -16.16 9.34
CA CYS B 325 -21.66 -15.06 8.49
C CYS B 325 -23.14 -15.23 8.17
N ALA B 326 -23.53 -16.45 7.77
CA ALA B 326 -24.90 -16.71 7.38
C ALA B 326 -25.85 -16.49 8.56
N ASP B 327 -25.36 -16.79 9.77
CA ASP B 327 -26.20 -16.62 10.97
C ASP B 327 -26.38 -15.15 11.30
N VAL B 328 -25.32 -14.36 11.16
CA VAL B 328 -25.40 -12.91 11.34
C VAL B 328 -26.40 -12.32 10.35
N ILE B 329 -26.37 -12.81 9.10
CA ILE B 329 -27.21 -12.25 8.06
C ILE B 329 -28.66 -12.66 8.29
N TRP B 330 -28.86 -13.90 8.77
CA TRP B 330 -30.21 -14.39 9.06
C TRP B 330 -30.84 -13.56 10.18
N GLN B 331 -30.03 -13.12 11.15
CA GLN B 331 -30.55 -12.35 12.26
C GLN B 331 -30.76 -10.88 11.89
N TYR B 332 -29.80 -10.30 11.16
CA TYR B 332 -29.68 -8.85 11.04
C TYR B 332 -29.62 -8.37 9.58
N GLY B 333 -29.98 -9.24 8.65
CA GLY B 333 -29.78 -8.97 7.22
C GLY B 333 -30.98 -8.36 6.49
N LEU B 334 -32.15 -8.27 7.14
CA LEU B 334 -33.30 -7.57 6.57
C LEU B 334 -33.14 -6.09 6.84
N LEU B 335 -32.61 -5.33 5.87
CA LEU B 335 -32.11 -3.99 6.17
C LEU B 335 -33.21 -2.93 6.04
N LYS B 336 -33.15 -1.94 6.92
CA LYS B 336 -33.94 -0.73 6.77
C LYS B 336 -33.50 0.04 5.53
N LYS B 337 -32.26 -0.20 5.08
CA LYS B 337 -31.70 0.47 3.93
C LYS B 337 -32.53 0.19 2.67
N GLY B 338 -33.14 -1.01 2.62
CA GLY B 338 -33.91 -1.38 1.44
C GLY B 338 -33.60 -2.80 0.95
N TYR B 339 -33.92 -3.03 -0.33
CA TYR B 339 -33.98 -4.38 -0.87
C TYR B 339 -32.89 -4.59 -1.91
N GLY B 340 -31.92 -3.68 -1.97
CA GLY B 340 -30.94 -3.64 -3.04
C GLY B 340 -29.81 -4.68 -2.88
N LEU B 341 -28.87 -4.66 -3.82
CA LEU B 341 -27.79 -5.62 -3.83
C LEU B 341 -26.59 -5.14 -3.00
N CYS B 342 -26.18 -3.89 -3.20
CA CYS B 342 -24.95 -3.40 -2.58
C CYS B 342 -25.07 -3.40 -1.06
N HIS B 343 -26.25 -2.96 -0.58
CA HIS B 343 -26.51 -2.86 0.85
C HIS B 343 -28.02 -2.97 1.06
N GLY B 344 -28.52 -4.19 0.91
CA GLY B 344 -29.95 -4.45 0.96
C GLY B 344 -30.26 -5.94 1.10
N SER B 345 -31.54 -6.24 1.24
CA SER B 345 -32.00 -7.57 1.58
C SER B 345 -31.73 -8.57 0.46
N ALA B 346 -31.82 -8.13 -0.80
CA ALA B 346 -31.59 -9.04 -1.92
C ALA B 346 -30.11 -9.42 -2.02
N GLY B 347 -29.23 -8.42 -1.91
CA GLY B 347 -27.79 -8.68 -1.88
C GLY B 347 -27.40 -9.62 -0.74
N ASN B 348 -28.03 -9.40 0.42
CA ASN B 348 -27.79 -10.23 1.60
C ASN B 348 -28.23 -11.67 1.35
N ALA B 349 -29.34 -11.86 0.63
CA ALA B 349 -29.89 -13.19 0.38
C ALA B 349 -28.92 -14.03 -0.45
N TYR B 350 -28.14 -13.37 -1.32
CA TYR B 350 -27.18 -14.09 -2.15
C TYR B 350 -26.15 -14.81 -1.30
N ALA B 351 -25.88 -14.31 -0.09
CA ALA B 351 -24.93 -14.97 0.80
C ALA B 351 -25.42 -16.37 1.13
N PHE B 352 -26.75 -16.52 1.30
CA PHE B 352 -27.34 -17.82 1.58
C PHE B 352 -27.21 -18.74 0.35
N LEU B 353 -27.39 -18.19 -0.86
CA LEU B 353 -27.28 -19.02 -2.04
C LEU B 353 -25.85 -19.53 -2.24
N THR B 354 -24.85 -18.69 -1.93
CA THR B 354 -23.47 -19.15 -2.13
C THR B 354 -23.17 -20.31 -1.18
N LEU B 355 -23.66 -20.21 0.05
CA LEU B 355 -23.43 -21.26 1.02
C LEU B 355 -24.24 -22.51 0.65
N TYR B 356 -25.45 -22.33 0.10
CA TYR B 356 -26.24 -23.44 -0.40
C TYR B 356 -25.50 -24.16 -1.54
N ASN B 357 -24.92 -23.38 -2.45
CA ASN B 357 -24.29 -23.96 -3.62
C ASN B 357 -23.00 -24.68 -3.26
N LEU B 358 -22.43 -24.34 -2.09
CA LEU B 358 -21.25 -25.04 -1.61
C LEU B 358 -21.64 -26.37 -0.95
N THR B 359 -22.69 -26.32 -0.10
CA THR B 359 -22.92 -27.37 0.89
C THR B 359 -24.08 -28.29 0.48
N GLN B 360 -24.95 -27.80 -0.41
CA GLN B 360 -26.22 -28.42 -0.78
C GLN B 360 -27.13 -28.59 0.44
N ASP B 361 -26.89 -27.77 1.48
CA ASP B 361 -27.72 -27.74 2.67
C ASP B 361 -28.95 -26.88 2.40
N MET B 362 -30.13 -27.53 2.37
CA MET B 362 -31.38 -26.90 1.98
C MET B 362 -31.76 -25.78 2.95
N LYS B 363 -31.20 -25.81 4.16
CA LYS B 363 -31.42 -24.74 5.13
C LYS B 363 -31.11 -23.38 4.50
N TYR B 364 -30.05 -23.34 3.69
CA TYR B 364 -29.59 -22.07 3.14
C TYR B 364 -30.43 -21.64 1.95
N LEU B 365 -30.92 -22.62 1.16
CA LEU B 365 -31.87 -22.28 0.11
C LEU B 365 -33.15 -21.75 0.73
N TYR B 366 -33.59 -22.38 1.82
CA TYR B 366 -34.77 -21.91 2.55
C TYR B 366 -34.58 -20.46 3.00
N ARG B 367 -33.43 -20.15 3.59
CA ARG B 367 -33.18 -18.79 4.06
C ARG B 367 -33.28 -17.80 2.90
N ALA B 368 -32.73 -18.16 1.74
CA ALA B 368 -32.82 -17.29 0.58
C ALA B 368 -34.27 -17.09 0.14
N CYS B 369 -35.08 -18.17 0.19
CA CYS B 369 -36.47 -18.10 -0.23
C CYS B 369 -37.27 -17.19 0.71
N LYS B 370 -36.91 -17.19 2.01
CA LYS B 370 -37.62 -16.36 2.96
C LYS B 370 -37.26 -14.89 2.75
N PHE B 371 -35.99 -14.62 2.45
CA PHE B 371 -35.61 -13.27 2.08
C PHE B 371 -36.33 -12.83 0.81
N ALA B 372 -36.55 -13.76 -0.13
CA ALA B 372 -37.36 -13.45 -1.31
C ALA B 372 -38.79 -13.08 -0.92
N GLU B 373 -39.36 -13.84 0.03
CA GLU B 373 -40.70 -13.59 0.54
C GLU B 373 -40.79 -12.15 1.02
N TRP B 374 -39.75 -11.70 1.73
CA TRP B 374 -39.65 -10.33 2.21
C TRP B 374 -39.69 -9.34 1.04
N CYS B 375 -38.89 -9.61 -0.01
CA CYS B 375 -38.81 -8.73 -1.16
C CYS B 375 -40.12 -8.72 -1.95
N LEU B 376 -40.95 -9.77 -1.79
CA LEU B 376 -42.24 -9.80 -2.47
C LEU B 376 -43.18 -8.75 -1.87
N GLU B 377 -42.87 -8.29 -0.65
CA GLU B 377 -43.62 -7.21 -0.02
C GLU B 377 -42.91 -5.87 -0.22
N TYR B 378 -42.23 -5.73 -1.37
CA TYR B 378 -41.48 -4.53 -1.72
C TYR B 378 -42.28 -3.26 -1.39
N GLY B 379 -41.70 -2.40 -0.55
CA GLY B 379 -42.23 -1.07 -0.31
C GLY B 379 -43.23 -1.02 0.85
N GLU B 380 -43.43 -2.15 1.53
CA GLU B 380 -44.45 -2.24 2.57
C GLU B 380 -43.83 -2.16 3.97
N HIS B 381 -42.52 -1.88 4.07
CA HIS B 381 -41.82 -2.04 5.33
C HIS B 381 -41.31 -0.71 5.90
N GLY B 382 -41.44 0.38 5.14
CA GLY B 382 -40.94 1.68 5.56
C GLY B 382 -39.43 1.84 5.34
N CYS B 383 -38.89 1.10 4.37
CA CYS B 383 -37.49 1.21 4.02
C CYS B 383 -37.22 2.58 3.38
N ARG B 384 -35.96 3.03 3.54
CA ARG B 384 -35.45 4.22 2.89
C ARG B 384 -35.57 4.06 1.37
N THR B 385 -35.87 5.17 0.68
CA THR B 385 -35.81 5.22 -0.78
C THR B 385 -34.36 5.43 -1.20
N PRO B 386 -33.79 4.54 -2.05
CA PRO B 386 -32.41 4.70 -2.53
C PRO B 386 -32.20 5.94 -3.39
N ASP B 387 -30.94 6.37 -3.48
CA ASP B 387 -30.55 7.51 -4.29
C ASP B 387 -30.81 7.27 -5.76
N THR B 388 -30.59 6.03 -6.23
CA THR B 388 -31.04 5.60 -7.54
C THR B 388 -32.02 4.44 -7.35
N PRO B 389 -33.34 4.74 -7.24
CA PRO B 389 -34.31 3.73 -6.78
C PRO B 389 -34.51 2.54 -7.72
N PHE B 390 -33.98 2.64 -8.94
CA PHE B 390 -34.27 1.66 -9.98
C PHE B 390 -33.00 0.98 -10.50
N SER B 391 -31.84 1.32 -9.93
CA SER B 391 -30.56 0.87 -10.46
C SER B 391 -30.27 -0.59 -10.09
N LEU B 392 -29.23 -1.16 -10.71
CA LEU B 392 -28.86 -2.53 -10.42
C LEU B 392 -28.34 -2.69 -8.99
N PHE B 393 -27.50 -1.76 -8.50
CA PHE B 393 -26.83 -1.99 -7.22
C PHE B 393 -27.48 -1.24 -6.05
N GLU B 394 -28.20 -0.14 -6.33
CA GLU B 394 -28.86 0.59 -5.25
C GLU B 394 -30.36 0.28 -5.23
N GLY B 395 -30.93 -0.10 -6.37
CA GLY B 395 -32.39 -0.10 -6.47
C GLY B 395 -33.01 -1.36 -7.05
N MET B 396 -34.18 -1.14 -7.67
CA MET B 396 -35.15 -2.17 -7.99
C MET B 396 -34.59 -3.20 -8.99
N ALA B 397 -33.78 -2.74 -9.96
CA ALA B 397 -33.23 -3.67 -10.94
C ALA B 397 -32.50 -4.82 -10.26
N GLY B 398 -31.76 -4.52 -9.20
CA GLY B 398 -31.03 -5.55 -8.47
C GLY B 398 -31.96 -6.53 -7.75
N THR B 399 -33.03 -6.01 -7.15
CA THR B 399 -34.01 -6.86 -6.49
C THR B 399 -34.65 -7.80 -7.50
N ILE B 400 -35.01 -7.28 -8.69
CA ILE B 400 -35.59 -8.08 -9.74
C ILE B 400 -34.59 -9.14 -10.18
N TYR B 401 -33.32 -8.74 -10.33
CA TYR B 401 -32.28 -9.66 -10.74
C TYR B 401 -32.27 -10.86 -9.80
N PHE B 402 -32.26 -10.59 -8.48
CA PHE B 402 -32.24 -11.65 -7.49
C PHE B 402 -33.44 -12.57 -7.62
N LEU B 403 -34.64 -11.99 -7.75
CA LEU B 403 -35.86 -12.80 -7.77
C LEU B 403 -35.84 -13.74 -8.98
N ALA B 404 -35.37 -13.23 -10.13
CA ALA B 404 -35.32 -14.03 -11.34
C ALA B 404 -34.22 -15.09 -11.23
N ASP B 405 -33.13 -14.75 -10.54
CA ASP B 405 -31.99 -15.65 -10.39
C ASP B 405 -32.38 -16.83 -9.50
N LEU B 406 -33.28 -16.57 -8.55
CA LEU B 406 -33.71 -17.58 -7.59
C LEU B 406 -34.50 -18.69 -8.29
N LEU B 407 -35.04 -18.42 -9.49
CA LEU B 407 -35.85 -19.38 -10.22
C LEU B 407 -35.09 -20.70 -10.42
N VAL B 408 -33.76 -20.58 -10.63
CA VAL B 408 -32.88 -21.74 -10.78
C VAL B 408 -31.71 -21.56 -9.80
N PRO B 409 -31.88 -21.95 -8.51
CA PRO B 409 -30.91 -21.60 -7.47
C PRO B 409 -29.47 -22.03 -7.70
N THR B 410 -29.28 -23.20 -8.34
CA THR B 410 -27.94 -23.75 -8.51
C THR B 410 -27.12 -22.90 -9.47
N LYS B 411 -27.80 -22.11 -10.31
CA LYS B 411 -27.11 -21.28 -11.29
C LYS B 411 -27.02 -19.83 -10.83
N ALA B 412 -27.61 -19.50 -9.67
CA ALA B 412 -27.66 -18.12 -9.19
C ALA B 412 -26.26 -17.65 -8.79
N ARG B 413 -25.95 -16.39 -9.13
CA ARG B 413 -24.66 -15.79 -8.79
C ARG B 413 -24.89 -14.29 -8.55
N PHE B 414 -24.26 -13.75 -7.50
CA PHE B 414 -24.35 -12.32 -7.24
C PHE B 414 -23.80 -11.59 -8.46
N PRO B 415 -24.60 -10.74 -9.15
CA PRO B 415 -24.19 -10.17 -10.43
C PRO B 415 -23.03 -9.19 -10.30
N ALA B 416 -22.24 -9.09 -11.38
CA ALA B 416 -21.13 -8.14 -11.47
C ALA B 416 -20.13 -8.38 -10.34
N PHE B 417 -20.02 -9.63 -9.87
CA PHE B 417 -19.10 -9.91 -8.77
C PHE B 417 -18.74 -11.39 -8.69
N GLU B 418 -19.76 -12.23 -8.46
CA GLU B 418 -19.50 -13.61 -8.11
C GLU B 418 -19.12 -14.42 -9.35
N LEU B 419 -18.13 -15.30 -9.17
CA LEU B 419 -17.64 -16.11 -10.27
C LEU B 419 -18.20 -17.53 -10.15
ZN ZN C . 16.33 4.95 -1.84
O32 GSM D . 16.03 0.49 -9.77
C3 GSM D . 15.83 1.27 -8.79
O31 GSM D . 15.92 2.52 -8.83
CA3 GSM D . 15.48 0.61 -7.46
N3 GSM D . 14.86 1.53 -6.53
C2 GSM D . 15.56 2.12 -5.55
O2 GSM D . 16.79 2.09 -5.49
CA2 GSM D . 14.77 2.84 -4.46
CB2 GSM D . 15.00 2.12 -3.14
SG2 GSM D . 14.50 3.19 -1.76
C4 GSM D . 15.00 2.16 -0.37
N2 GSM D . 13.35 2.94 -4.74
CD1 GSM D . 12.86 3.87 -5.58
OE1 GSM D . 13.61 4.66 -6.17
CG1 GSM D . 11.36 3.88 -5.74
CB1 GSM D . 10.78 5.27 -5.96
CA1 GSM D . 10.46 5.99 -4.65
N1 GSM D . 9.20 5.48 -4.05
C1 GSM D . 10.30 7.50 -4.91
O11 GSM D . 9.15 7.91 -5.18
O12 GSM D . 11.32 8.19 -4.86
ZN ZN E . -23.14 -0.62 -0.50
O32 GSM F . -24.73 2.79 5.95
C3 GSM F . -23.68 3.34 6.35
O31 GSM F . -23.51 3.80 7.50
CA3 GSM F . -22.50 3.44 5.39
N3 GSM F . -22.86 3.39 3.99
C2 GSM F . -22.74 2.27 3.27
O2 GSM F . -22.40 1.19 3.73
CA2 GSM F . -23.00 2.37 1.76
CB2 GSM F . -21.70 2.07 1.01
SG2 GSM F . -22.03 1.71 -0.74
C4 GSM F . -20.40 1.24 -1.30
N2 GSM F . -23.59 3.61 1.32
CD1 GSM F . -24.89 3.90 1.42
OE1 GSM F . -25.68 3.09 1.93
CG1 GSM F . -25.32 5.26 0.91
CB1 GSM F . -26.70 5.29 0.28
CA1 GSM F . -26.72 4.83 -1.18
N1 GSM F . -26.25 5.93 -2.07
C1 GSM F . -28.15 4.44 -1.58
O11 GSM F . -28.48 3.25 -1.43
O12 GSM F . -28.88 5.35 -1.98
#